data_9DWV
#
_entry.id   9DWV
#
_cell.length_a   1.00
_cell.length_b   1.00
_cell.length_c   1.00
_cell.angle_alpha   90.00
_cell.angle_beta   90.00
_cell.angle_gamma   90.00
#
_symmetry.space_group_name_H-M   'P 1'
#
loop_
_entity.id
_entity.type
_entity.pdbx_description
1 polymer 'DNA damage-binding protein 1'
2 polymer 'Protein cereblon'
3 polymer 'Peptidyl-prolyl cis-trans isomerase-like 4'
4 non-polymer 'ZINC ION'
5 non-polymer (3S)-3-[(4M)-4-(4-methoxythiophen-3-yl)-1H-1,2,3-triazol-1-yl]piperidine-2,6-dione
#
loop_
_entity_poly.entity_id
_entity_poly.type
_entity_poly.pdbx_seq_one_letter_code
_entity_poly.pdbx_strand_id
1 'polypeptide(L)'
;MSYNYVVTAQKPTAVNGCVTGHFTSAEDLNLLIAKNTRLEIYVVTAEGLRPVKEVGMYGKIAVMELFRPKGESKDLLFIL
TAKYNACILEYKQSGESIDIITRAHGNVQDRIGRPSETGIIGIIDPECRMIGLRLYDGLFKVIPLDRDNKELKAFNIRLE
ELHVIDVKFLYGCQAPTICFVYQDPQGRHVKTYEVSLREKEFNKGPWKQENVEAEASMVIAVPEPFGGAIIIGQESITYH
NGDKYLAIAPPIIKQSTIVCHNRVDPNGSRYLLGDMEGRLFMLLLEKEEQMDGTVTLKDLRVELLGETSIAECLTYLDNG
VVFVGSRLGDSQLVKLNVDSNEQGSYVVAMETFTNLGPIVDMCVVDLERQGQGQLVTCSGAFKEGSLRIIRNGIGIHEHA
SIDLPGIKGLWPLRSDPNRETDDTLVLSFVGQTRVLMLNGEEVEETELMGFVDDQQTFFCGNVAHQQLIQITSASVRLVS
QEPKALVSEWKEPQAKNISVASCNSSQVVVAVGRALYYLQIHPQELRQISHTEMEHEVACLDITPLGDSNGLSPLCAIGL
WTDISARILKLPSFELLHKEMLGGEIIPRSILMTTFESSHYLLCALGDGALFYFGLNIETGLLSDRKKVTLGTQPTVLRT
FRSLSTTNVFACSDRPTVIYSSNHKLVFSNVNLKEVNYMCPLNSDGYPDSLALANNSTLTIGTIDEIQKLHIRTVPLYES
PRKICYQEVSQCFGVLSSRIEVQDTSGGTTALRPSASTQALSSSVSSSKLFSSSTAPHETSFGEEVEVHNLLIIDQHTFE
VLHAHQFLQNEYALSLVSCKLGKDPNTYFIVGTAMVYPEEAEPKQGRIVVFQYSDGKLQTVAEKEVKGAVYSMVEFNGKL
LASINSTVRLYEWTTEKELRTECNHYNNIMALYLKTKGDFILVGDLMRSVLLLAYKPMEGNFEEIARDFNPNWMSAVEIL
DDDNFLGAENAFNLFVCQKDSAATTDEERQHLQEVGLFHLGEFVNVFCHGSLVMQNLGETSTPTQGSVLFGTVNGMIGLV
TSLSESWYNLLLDMQNRLNKVIKSVGKIEHSFWRSFHTERKTEPATGFIDGDLIESFLDISRPKMQEVVANLQYDDGSGM
KREATADDLIKVVEELTRIH
;
A
2 'polypeptide(L)'
;GSMAGEGDQQDAAHNMGNHLPLLPAESEEEDEMEVEDQDSKEAKKPNIINFDTSLPTSHTYLGADMEEFHGRTLHDDDSC
QVIPVLPQVMMILIPGQTLPLQLFHPQEVSMVRNLIQKDRTFAVLAYSNVQEREAQFGTTAEIYAYREEQDFGIEIVKVK
AIGRQRFKVLELRTQSDGIQQAKVQILPECVLPSTMSAVQLESLNKCQIFPSKPVSREDQCSYKWWQKYQKRKFHCANLT
SWPRWLYSLYDAETLMDRIKKQLREWDENLKDDSLPSNPIDFSYRVAACLPIDDVLRIQLLKIGSAIQRLRCELDIMNKC
TSLCCKQCQETEITTKNEIFSLSLCGPMAAYVNPHGYVHETLTVYKACNLNLIGRPSTEHSWFPGYAWTVAQCKICASHI
GWKFTATKKDMSPQKFWGLTRSALLPTIPDTEDEISPDKVILCL
;
B
3 'polypeptide(L)'
;GGRNVLFVCKLNPVTTDEDLEIIFSRFGPIRSCEVIRDWKTGESLCYAFIEFEKEEDCEKAFFKMDNVLIDDRRIHVDFS
QS
;
C
#
# COMPACT_ATOMS: atom_id res chain seq x y z
N SER A 2 -9.43 3.25 -27.24
CA SER A 2 -8.06 3.72 -27.40
C SER A 2 -7.33 2.85 -28.41
N TYR A 3 -7.37 1.54 -28.17
CA TYR A 3 -6.81 0.55 -29.09
C TYR A 3 -5.30 0.77 -29.28
N ASN A 4 -4.57 0.55 -28.20
CA ASN A 4 -3.14 0.78 -28.14
C ASN A 4 -2.35 -0.51 -28.33
N TYR A 5 -1.03 -0.35 -28.45
CA TYR A 5 -0.12 -1.40 -28.87
C TYR A 5 1.12 -1.37 -27.98
N VAL A 6 1.50 -2.50 -27.40
CA VAL A 6 2.61 -2.57 -26.46
C VAL A 6 3.62 -3.60 -26.95
N VAL A 7 4.89 -3.18 -26.99
CA VAL A 7 5.98 -4.05 -27.42
C VAL A 7 7.15 -3.90 -26.44
N THR A 8 8.01 -4.91 -26.42
CA THR A 8 9.16 -4.96 -25.52
C THR A 8 10.41 -4.56 -26.31
N ALA A 9 10.87 -3.32 -26.13
CA ALA A 9 12.02 -2.86 -26.87
C ALA A 9 13.30 -3.51 -26.36
N GLN A 10 13.62 -3.31 -25.09
CA GLN A 10 14.77 -3.93 -24.46
C GLN A 10 14.26 -4.90 -23.39
N LYS A 11 14.69 -6.15 -23.49
CA LYS A 11 14.19 -7.17 -22.59
C LYS A 11 14.74 -6.96 -21.18
N PRO A 12 14.08 -7.51 -20.17
CA PRO A 12 14.56 -7.35 -18.80
C PRO A 12 15.92 -8.01 -18.62
N THR A 13 16.71 -7.47 -17.70
CA THR A 13 18.03 -8.00 -17.39
C THR A 13 18.31 -8.20 -15.91
N ALA A 14 17.59 -7.52 -15.01
CA ALA A 14 17.80 -7.72 -13.59
C ALA A 14 17.52 -9.15 -13.20
N VAL A 15 18.44 -9.76 -12.47
CA VAL A 15 18.37 -11.18 -12.15
C VAL A 15 17.51 -11.35 -10.91
N ASN A 16 16.42 -12.10 -11.05
CA ASN A 16 15.50 -12.36 -9.95
C ASN A 16 15.70 -13.73 -9.33
N GLY A 17 16.81 -14.38 -9.63
CA GLY A 17 17.13 -15.68 -9.08
C GLY A 17 17.87 -16.48 -10.14
N CYS A 18 18.62 -17.47 -9.69
CA CYS A 18 19.36 -18.31 -10.62
C CYS A 18 19.68 -19.63 -9.94
N VAL A 19 19.76 -20.68 -10.74
CA VAL A 19 20.02 -22.02 -10.24
C VAL A 19 21.10 -22.67 -11.11
N THR A 20 21.79 -23.63 -10.51
CA THR A 20 22.83 -24.39 -11.17
C THR A 20 22.48 -25.87 -11.10
N GLY A 21 22.58 -26.56 -12.22
CA GLY A 21 22.24 -27.98 -12.21
C GLY A 21 22.39 -28.59 -13.57
N HIS A 22 22.20 -29.90 -13.60
CA HIS A 22 22.30 -30.70 -14.83
C HIS A 22 20.94 -30.71 -15.48
N PHE A 23 20.70 -29.74 -16.36
CA PHE A 23 19.40 -29.52 -16.97
C PHE A 23 19.41 -29.76 -18.47
N THR A 24 20.44 -29.30 -19.19
CA THR A 24 20.50 -29.54 -20.63
C THR A 24 20.88 -30.98 -20.93
N SER A 25 21.76 -31.56 -20.13
CA SER A 25 22.21 -32.92 -20.35
C SER A 25 22.84 -33.42 -19.06
N ALA A 26 22.96 -34.75 -18.97
CA ALA A 26 23.50 -35.35 -17.76
C ALA A 26 24.97 -35.04 -17.55
N GLU A 27 25.65 -34.49 -18.57
CA GLU A 27 27.07 -34.19 -18.46
C GLU A 27 27.40 -32.72 -18.51
N ASP A 28 26.43 -31.86 -18.82
CA ASP A 28 26.67 -30.43 -18.92
C ASP A 28 26.11 -29.72 -17.69
N LEU A 29 26.92 -28.85 -17.10
CA LEU A 29 26.53 -28.08 -15.93
C LEU A 29 25.96 -26.75 -16.40
N ASN A 30 24.69 -26.49 -16.08
CA ASN A 30 23.95 -25.38 -16.64
C ASN A 30 23.59 -24.36 -15.56
N LEU A 31 23.63 -23.10 -15.96
CA LEU A 31 23.13 -21.99 -15.16
C LEU A 31 21.84 -21.48 -15.77
N LEU A 32 20.78 -21.41 -14.97
CA LEU A 32 19.50 -20.88 -15.40
C LEU A 32 19.23 -19.60 -14.64
N ILE A 33 18.95 -18.53 -15.37
CA ILE A 33 18.70 -17.22 -14.80
C ILE A 33 17.32 -16.77 -15.23
N ALA A 34 16.54 -16.24 -14.29
CA ALA A 34 15.24 -15.68 -14.60
C ALA A 34 15.27 -14.19 -14.32
N LYS A 35 14.98 -13.38 -15.34
CA LYS A 35 15.01 -11.93 -15.14
C LYS A 35 13.69 -11.45 -14.54
N ASN A 36 12.62 -11.46 -15.33
CA ASN A 36 11.27 -11.40 -14.79
C ASN A 36 10.44 -12.55 -15.35
N THR A 37 10.48 -12.67 -16.68
CA THR A 37 9.70 -13.63 -17.41
C THR A 37 10.53 -14.43 -18.40
N ARG A 38 11.74 -13.99 -18.71
CA ARG A 38 12.64 -14.70 -19.60
C ARG A 38 13.52 -15.62 -18.80
N LEU A 39 13.46 -16.91 -19.11
CA LEU A 39 14.36 -17.89 -18.53
C LEU A 39 15.49 -18.12 -19.51
N GLU A 40 16.72 -17.80 -19.11
CA GLU A 40 17.89 -17.95 -19.94
C GLU A 40 18.70 -19.13 -19.44
N ILE A 41 19.07 -20.03 -20.35
CA ILE A 41 19.75 -21.27 -20.04
C ILE A 41 21.11 -21.19 -20.69
N TYR A 42 22.17 -21.16 -19.87
CA TYR A 42 23.55 -21.12 -20.31
C TYR A 42 24.26 -22.40 -19.87
N VAL A 43 25.30 -22.77 -20.62
CA VAL A 43 26.16 -23.89 -20.26
C VAL A 43 27.42 -23.34 -19.63
N VAL A 44 27.78 -23.85 -18.46
CA VAL A 44 28.98 -23.40 -17.76
C VAL A 44 30.20 -23.93 -18.50
N THR A 45 31.06 -23.03 -18.94
CA THR A 45 32.24 -23.36 -19.71
C THR A 45 33.46 -22.74 -19.04
N ALA A 46 34.63 -23.33 -19.32
CA ALA A 46 35.86 -22.83 -18.70
C ALA A 46 36.08 -21.36 -19.02
N GLU A 47 35.92 -20.99 -20.28
CA GLU A 47 36.11 -19.60 -20.67
C GLU A 47 34.99 -18.69 -20.18
N GLY A 48 33.88 -19.25 -19.72
CA GLY A 48 32.76 -18.45 -19.25
C GLY A 48 31.42 -19.13 -19.47
N LEU A 49 30.46 -18.40 -20.01
CA LEU A 49 29.11 -18.91 -20.23
C LEU A 49 28.75 -18.81 -21.71
N ARG A 50 28.10 -19.85 -22.21
CA ARG A 50 27.70 -19.94 -23.61
C ARG A 50 26.17 -19.92 -23.69
N PRO A 51 25.54 -18.81 -24.07
CA PRO A 51 24.08 -18.76 -24.04
C PRO A 51 23.46 -19.75 -25.02
N VAL A 52 22.78 -20.75 -24.49
CA VAL A 52 22.19 -21.80 -25.29
C VAL A 52 20.73 -21.52 -25.61
N LYS A 53 19.95 -21.05 -24.65
CA LYS A 53 18.53 -20.85 -24.90
C LYS A 53 18.02 -19.64 -24.14
N GLU A 54 16.99 -19.00 -24.69
CA GLU A 54 16.29 -17.92 -24.01
C GLU A 54 14.81 -18.08 -24.32
N VAL A 55 14.03 -18.49 -23.32
CA VAL A 55 12.62 -18.82 -23.49
C VAL A 55 11.79 -17.85 -22.68
N GLY A 56 10.82 -17.22 -23.34
CA GLY A 56 9.89 -16.39 -22.62
C GLY A 56 8.84 -17.21 -21.90
N MET A 57 8.28 -16.63 -20.85
CA MET A 57 7.22 -17.25 -20.06
C MET A 57 6.07 -16.27 -19.91
N TYR A 58 4.85 -16.78 -19.99
CA TYR A 58 3.66 -15.96 -19.81
C TYR A 58 3.38 -15.79 -18.32
N GLY A 59 4.41 -15.34 -17.61
CA GLY A 59 4.31 -15.21 -16.17
C GLY A 59 5.63 -14.84 -15.51
N LYS A 60 5.55 -14.09 -14.42
CA LYS A 60 6.74 -13.72 -13.64
C LYS A 60 7.21 -14.91 -12.83
N ILE A 61 8.48 -15.29 -13.00
CA ILE A 61 9.04 -16.44 -12.30
C ILE A 61 9.35 -16.01 -10.87
N ALA A 62 8.57 -16.49 -9.91
CA ALA A 62 8.77 -16.17 -8.51
C ALA A 62 9.49 -17.27 -7.74
N VAL A 63 9.36 -18.52 -8.18
CA VAL A 63 10.06 -19.64 -7.58
C VAL A 63 10.67 -20.48 -8.69
N MET A 64 11.96 -20.75 -8.58
CA MET A 64 12.69 -21.57 -9.55
C MET A 64 13.47 -22.62 -8.79
N GLU A 65 13.33 -23.88 -9.20
CA GLU A 65 14.03 -24.96 -8.54
C GLU A 65 14.23 -26.11 -9.51
N LEU A 66 15.12 -27.02 -9.15
CA LEU A 66 15.40 -28.21 -9.93
C LEU A 66 15.20 -29.43 -9.05
N PHE A 67 14.80 -30.54 -9.66
CA PHE A 67 14.63 -31.77 -8.91
C PHE A 67 14.76 -32.94 -9.87
N ARG A 68 15.26 -34.05 -9.33
CA ARG A 68 15.67 -35.22 -10.13
C ARG A 68 14.98 -36.46 -9.58
N PRO A 69 13.72 -36.67 -9.92
CA PRO A 69 13.01 -37.83 -9.41
C PRO A 69 13.60 -39.12 -9.93
N LYS A 70 13.46 -40.18 -9.14
CA LYS A 70 14.07 -41.46 -9.49
C LYS A 70 13.59 -41.93 -10.86
N GLY A 71 14.52 -42.48 -11.64
CA GLY A 71 14.20 -43.03 -12.94
C GLY A 71 14.37 -42.07 -14.10
N GLU A 72 15.00 -40.93 -13.90
CA GLU A 72 15.14 -39.90 -14.93
C GLU A 72 16.61 -39.77 -15.33
N SER A 73 16.87 -38.83 -16.22
CA SER A 73 18.21 -38.57 -16.73
C SER A 73 18.69 -37.15 -16.49
N LYS A 74 17.80 -36.16 -16.51
CA LYS A 74 18.18 -34.77 -16.33
C LYS A 74 17.21 -34.10 -15.37
N ASP A 75 17.68 -33.05 -14.71
CA ASP A 75 16.89 -32.38 -13.69
C ASP A 75 15.79 -31.54 -14.34
N LEU A 76 14.56 -31.74 -13.87
CA LEU A 76 13.43 -30.97 -14.38
C LEU A 76 13.34 -29.63 -13.65
N LEU A 77 12.80 -28.64 -14.34
CA LEU A 77 12.72 -27.28 -13.80
C LEU A 77 11.33 -27.03 -13.27
N PHE A 78 11.22 -26.64 -12.00
CA PHE A 78 9.96 -26.28 -11.39
C PHE A 78 9.85 -24.77 -11.36
N ILE A 79 8.86 -24.22 -12.06
CA ILE A 79 8.65 -22.78 -12.10
C ILE A 79 7.27 -22.48 -11.53
N LEU A 80 7.20 -21.42 -10.74
CA LEU A 80 5.93 -20.88 -10.27
C LEU A 80 5.84 -19.44 -10.73
N THR A 81 4.68 -19.07 -11.24
CA THR A 81 4.42 -17.71 -11.70
C THR A 81 3.83 -16.89 -10.57
N ALA A 82 3.98 -15.57 -10.68
CA ALA A 82 3.40 -14.68 -9.67
C ALA A 82 1.91 -14.91 -9.54
N LYS A 83 1.21 -15.07 -10.65
CA LYS A 83 -0.21 -15.39 -10.67
C LYS A 83 -0.48 -16.85 -10.31
N TYR A 84 0.52 -17.58 -9.84
CA TYR A 84 0.35 -18.91 -9.27
C TYR A 84 0.05 -19.95 -10.36
N ASN A 85 0.71 -19.83 -11.50
CA ASN A 85 0.77 -20.89 -12.49
C ASN A 85 2.01 -21.72 -12.20
N ALA A 86 1.81 -22.98 -11.80
CA ALA A 86 2.91 -23.88 -11.53
C ALA A 86 3.12 -24.79 -12.72
N CYS A 87 4.37 -24.94 -13.14
CA CYS A 87 4.71 -25.79 -14.27
C CYS A 87 6.00 -26.54 -13.99
N ILE A 88 6.09 -27.73 -14.56
CA ILE A 88 7.32 -28.52 -14.55
C ILE A 88 7.77 -28.69 -16.00
N LEU A 89 9.02 -28.34 -16.27
CA LEU A 89 9.54 -28.25 -17.63
C LEU A 89 10.74 -29.16 -17.80
N GLU A 90 10.87 -29.69 -19.01
CA GLU A 90 11.93 -30.60 -19.39
C GLU A 90 12.65 -30.03 -20.61
N TYR A 91 13.94 -30.28 -20.71
CA TYR A 91 14.73 -29.82 -21.83
C TYR A 91 14.94 -30.97 -22.80
N LYS A 92 14.49 -30.80 -24.03
CA LYS A 92 14.61 -31.83 -25.05
C LYS A 92 15.04 -31.18 -26.36
N GLN A 93 16.13 -31.68 -26.94
CA GLN A 93 16.67 -31.16 -28.19
C GLN A 93 16.86 -32.30 -29.17
N SER A 94 16.27 -32.17 -30.35
CA SER A 94 16.39 -33.15 -31.43
C SER A 94 17.09 -32.48 -32.60
N GLY A 95 18.28 -32.96 -32.94
CA GLY A 95 19.05 -32.31 -33.98
C GLY A 95 19.35 -30.88 -33.60
N GLU A 96 18.97 -29.94 -34.45
CA GLU A 96 19.13 -28.52 -34.17
C GLU A 96 17.91 -27.92 -33.48
N SER A 97 16.88 -28.72 -33.22
CA SER A 97 15.68 -28.24 -32.56
C SER A 97 15.86 -28.33 -31.05
N ILE A 98 15.47 -27.27 -30.35
CA ILE A 98 15.56 -27.20 -28.90
C ILE A 98 14.22 -26.71 -28.37
N ASP A 99 13.49 -27.59 -27.71
CA ASP A 99 12.14 -27.30 -27.25
C ASP A 99 12.02 -27.58 -25.76
N ILE A 100 11.06 -26.91 -25.13
CA ILE A 100 10.75 -27.09 -23.72
C ILE A 100 9.37 -27.73 -23.64
N ILE A 101 9.28 -28.85 -22.93
CA ILE A 101 8.07 -29.64 -22.84
C ILE A 101 7.55 -29.57 -21.41
N THR A 102 6.28 -29.21 -21.27
CA THR A 102 5.64 -29.09 -19.96
C THR A 102 5.16 -30.47 -19.53
N ARG A 103 5.78 -31.02 -18.49
CA ARG A 103 5.34 -32.32 -17.98
C ARG A 103 4.06 -32.19 -17.17
N ALA A 104 3.86 -31.05 -16.51
CA ALA A 104 2.65 -30.84 -15.73
C ALA A 104 2.46 -29.34 -15.55
N HIS A 105 1.20 -28.93 -15.52
CA HIS A 105 0.85 -27.52 -15.42
C HIS A 105 -0.44 -27.38 -14.63
N GLY A 106 -0.58 -26.24 -13.95
CA GLY A 106 -1.82 -25.96 -13.25
C GLY A 106 -1.77 -24.73 -12.39
N ASN A 107 -2.90 -24.09 -12.16
CA ASN A 107 -2.96 -22.93 -11.29
C ASN A 107 -3.25 -23.39 -9.88
N VAL A 108 -2.44 -22.94 -8.93
CA VAL A 108 -2.50 -23.43 -7.55
C VAL A 108 -2.83 -22.31 -6.59
N GLN A 109 -3.63 -21.35 -7.03
CA GLN A 109 -4.10 -20.30 -6.14
C GLN A 109 -5.37 -20.75 -5.43
N ASP A 110 -5.38 -20.63 -4.12
CA ASP A 110 -6.57 -20.96 -3.35
C ASP A 110 -7.66 -19.92 -3.61
N ARG A 111 -8.91 -20.37 -3.55
CA ARG A 111 -10.03 -19.48 -3.83
C ARG A 111 -10.07 -18.34 -2.82
N ILE A 112 -9.81 -18.63 -1.56
CA ILE A 112 -9.86 -17.64 -0.48
C ILE A 112 -8.52 -17.63 0.23
N GLY A 113 -8.05 -16.43 0.57
CA GLY A 113 -6.79 -16.30 1.27
C GLY A 113 -6.05 -15.03 0.89
N ARG A 114 -5.37 -14.41 1.84
CA ARG A 114 -4.54 -13.26 1.55
C ARG A 114 -3.10 -13.70 1.39
N PRO A 115 -2.39 -13.27 0.34
CA PRO A 115 -1.01 -13.75 0.15
C PRO A 115 -0.11 -13.31 1.30
N SER A 116 0.85 -14.16 1.62
CA SER A 116 1.70 -13.92 2.78
C SER A 116 2.53 -12.66 2.60
N GLU A 117 2.75 -11.95 3.70
CA GLU A 117 3.55 -10.73 3.67
C GLU A 117 5.02 -11.01 3.43
N THR A 118 5.50 -12.22 3.73
CA THR A 118 6.87 -12.61 3.47
C THR A 118 7.04 -13.21 2.08
N GLY A 119 6.00 -13.20 1.27
CA GLY A 119 6.12 -13.57 -0.13
C GLY A 119 6.09 -15.06 -0.35
N ILE A 120 6.29 -15.43 -1.60
CA ILE A 120 6.22 -16.82 -2.02
C ILE A 120 7.49 -17.54 -1.60
N ILE A 121 7.33 -18.67 -0.94
CA ILE A 121 8.43 -19.56 -0.58
C ILE A 121 8.14 -20.91 -1.19
N GLY A 122 9.07 -21.41 -1.99
CA GLY A 122 8.92 -22.70 -2.62
C GLY A 122 10.11 -23.58 -2.32
N ILE A 123 9.86 -24.85 -2.04
CA ILE A 123 10.88 -25.75 -1.52
C ILE A 123 10.57 -27.16 -2.03
N ILE A 124 11.63 -27.95 -2.17
CA ILE A 124 11.51 -29.30 -2.70
C ILE A 124 12.29 -30.24 -1.79
N ASP A 125 11.71 -31.41 -1.55
CA ASP A 125 12.32 -32.36 -0.63
C ASP A 125 13.67 -32.82 -1.18
N PRO A 126 14.63 -33.13 -0.32
CA PRO A 126 15.87 -33.73 -0.82
C PRO A 126 15.66 -34.99 -1.64
N GLU A 127 14.66 -35.81 -1.29
CA GLU A 127 14.45 -37.09 -1.96
C GLU A 127 13.38 -37.00 -3.05
N CYS A 128 12.85 -35.81 -3.32
CA CYS A 128 11.91 -35.58 -4.42
C CYS A 128 10.67 -36.45 -4.25
N ARG A 129 9.97 -36.25 -3.14
CA ARG A 129 8.71 -36.91 -2.88
C ARG A 129 7.57 -35.94 -2.58
N MET A 130 7.83 -34.64 -2.60
CA MET A 130 6.79 -33.65 -2.39
C MET A 130 7.35 -32.29 -2.76
N ILE A 131 6.47 -31.41 -3.19
CA ILE A 131 6.84 -30.03 -3.50
C ILE A 131 6.02 -29.12 -2.61
N GLY A 132 6.70 -28.37 -1.75
CA GLY A 132 6.04 -27.58 -0.73
C GLY A 132 6.07 -26.11 -1.10
N LEU A 133 4.95 -25.44 -0.86
CA LEU A 133 4.85 -24.00 -1.06
C LEU A 133 4.18 -23.38 0.15
N ARG A 134 4.59 -22.14 0.45
CA ARG A 134 3.91 -21.34 1.47
C ARG A 134 3.44 -20.07 0.76
N LEU A 135 2.29 -20.18 0.11
CA LEU A 135 1.70 -19.04 -0.60
C LEU A 135 0.81 -18.21 0.30
N TYR A 136 -0.02 -18.87 1.12
CA TYR A 136 -1.01 -18.20 1.94
C TYR A 136 -0.72 -18.50 3.41
N ASP A 137 -0.83 -17.47 4.25
CA ASP A 137 -0.51 -17.62 5.65
C ASP A 137 -1.33 -18.75 6.27
N GLY A 138 -0.84 -19.25 7.39
CA GLY A 138 -1.54 -20.28 8.13
C GLY A 138 -1.89 -21.47 7.26
N LEU A 139 -1.11 -21.70 6.21
CA LEU A 139 -1.36 -22.81 5.30
C LEU A 139 -0.04 -23.28 4.69
N PHE A 140 -0.05 -24.52 4.24
CA PHE A 140 1.10 -25.13 3.58
C PHE A 140 0.59 -25.97 2.43
N LYS A 141 0.95 -25.58 1.20
CA LYS A 141 0.41 -26.21 0.00
C LYS A 141 1.38 -27.31 -0.44
N VAL A 142 0.98 -28.55 -0.28
CA VAL A 142 1.81 -29.69 -0.67
C VAL A 142 1.30 -30.23 -2.00
N ILE A 143 2.21 -30.35 -2.96
CA ILE A 143 1.93 -30.93 -4.27
C ILE A 143 2.64 -32.28 -4.32
N PRO A 144 1.92 -33.40 -4.22
CA PRO A 144 2.57 -34.71 -4.37
C PRO A 144 3.14 -34.88 -5.76
N LEU A 145 4.47 -34.97 -5.83
CA LEU A 145 5.16 -35.14 -7.10
C LEU A 145 5.18 -36.63 -7.42
N ASP A 146 4.07 -37.10 -7.98
CA ASP A 146 3.94 -38.48 -8.40
C ASP A 146 3.73 -38.51 -9.91
N ARG A 147 4.20 -39.59 -10.54
CA ARG A 147 4.12 -39.69 -12.00
C ARG A 147 2.68 -39.62 -12.50
N ASP A 148 1.70 -39.92 -11.65
CA ASP A 148 0.29 -39.89 -12.03
C ASP A 148 -0.37 -38.56 -11.74
N ASN A 149 0.34 -37.59 -11.15
CA ASN A 149 -0.23 -36.29 -10.83
C ASN A 149 0.02 -35.30 -11.97
N LYS A 150 -0.56 -35.64 -13.13
CA LYS A 150 -0.28 -34.89 -14.34
C LYS A 150 -0.66 -33.41 -14.19
N GLU A 151 -1.69 -33.13 -13.42
CA GLU A 151 -2.25 -31.78 -13.34
C GLU A 151 -1.77 -31.01 -12.11
N LEU A 152 -0.80 -31.53 -11.37
CA LEU A 152 -0.33 -30.89 -10.15
C LEU A 152 -1.49 -30.66 -9.18
N LYS A 153 -2.12 -31.76 -8.79
CA LYS A 153 -3.23 -31.69 -7.84
C LYS A 153 -2.69 -31.44 -6.45
N ALA A 154 -2.94 -30.24 -5.92
CA ALA A 154 -2.38 -29.82 -4.65
C ALA A 154 -3.35 -30.13 -3.52
N PHE A 155 -2.81 -30.16 -2.29
CA PHE A 155 -3.65 -30.26 -1.11
C PHE A 155 -3.03 -29.44 0.01
N ASN A 156 -3.89 -28.81 0.81
CA ASN A 156 -3.45 -27.94 1.88
C ASN A 156 -3.24 -28.70 3.18
N ILE A 157 -2.33 -28.20 4.00
CA ILE A 157 -2.16 -28.64 5.38
C ILE A 157 -2.13 -27.42 6.27
N ARG A 158 -2.65 -27.55 7.48
CA ARG A 158 -2.75 -26.42 8.39
C ARG A 158 -1.42 -26.18 9.10
N LEU A 159 -1.18 -24.92 9.43
CA LEU A 159 -0.03 -24.52 10.23
C LEU A 159 -0.53 -23.73 11.43
N GLU A 160 -0.18 -24.20 12.63
CA GLU A 160 -0.61 -23.50 13.83
C GLU A 160 -0.07 -22.09 13.87
N GLU A 161 1.19 -21.92 13.47
CA GLU A 161 1.82 -20.61 13.50
C GLU A 161 1.24 -19.73 12.39
N LEU A 162 1.66 -18.46 12.39
CA LEU A 162 1.08 -17.50 11.46
C LEU A 162 2.10 -16.60 10.76
N HIS A 163 3.34 -16.53 11.22
CA HIS A 163 4.34 -15.62 10.69
C HIS A 163 5.62 -16.36 10.33
N VAL A 164 5.49 -17.46 9.60
CA VAL A 164 6.66 -18.22 9.19
C VAL A 164 7.62 -17.27 8.48
N ILE A 165 8.82 -17.11 9.04
CA ILE A 165 9.82 -16.20 8.49
C ILE A 165 10.57 -16.92 7.39
N ASP A 166 11.06 -18.12 7.69
CA ASP A 166 11.78 -18.93 6.72
C ASP A 166 11.40 -20.39 6.90
N VAL A 167 11.54 -21.17 5.83
CA VAL A 167 11.14 -22.57 5.87
C VAL A 167 11.89 -23.34 4.80
N LYS A 168 12.41 -24.51 5.17
CA LYS A 168 13.16 -25.34 4.23
C LYS A 168 13.17 -26.77 4.73
N PHE A 169 13.47 -27.70 3.82
CA PHE A 169 13.54 -29.10 4.19
C PHE A 169 14.90 -29.40 4.84
N LEU A 170 15.01 -30.61 5.40
CA LEU A 170 16.22 -31.05 6.08
C LEU A 170 16.60 -32.42 5.56
N TYR A 171 17.88 -32.61 5.31
CA TYR A 171 18.38 -33.83 4.70
C TYR A 171 18.48 -34.96 5.74
N GLY A 172 18.59 -36.18 5.23
CA GLY A 172 18.83 -37.33 6.09
C GLY A 172 17.72 -37.63 7.07
N CYS A 173 16.48 -37.64 6.60
CA CYS A 173 15.32 -37.92 7.43
C CYS A 173 14.57 -39.12 6.86
N GLN A 174 14.04 -39.96 7.75
CA GLN A 174 13.27 -41.11 7.31
C GLN A 174 12.03 -40.68 6.55
N ALA A 175 11.36 -39.65 7.03
CA ALA A 175 10.20 -39.06 6.37
C ALA A 175 10.45 -37.58 6.17
N PRO A 176 9.84 -36.97 5.16
CA PRO A 176 10.16 -35.57 4.86
C PRO A 176 9.91 -34.67 6.05
N THR A 177 10.86 -33.80 6.32
CA THR A 177 10.79 -32.86 7.43
C THR A 177 10.79 -31.44 6.88
N ILE A 178 10.20 -30.55 7.65
CA ILE A 178 10.16 -29.13 7.34
C ILE A 178 10.62 -28.38 8.57
N CYS A 179 11.74 -27.67 8.45
CA CYS A 179 12.27 -26.84 9.53
C CYS A 179 12.03 -25.39 9.18
N PHE A 180 11.42 -24.65 10.10
CA PHE A 180 11.07 -23.28 9.82
C PHE A 180 11.26 -22.40 11.05
N VAL A 181 11.68 -21.17 10.77
CA VAL A 181 11.83 -20.10 11.74
C VAL A 181 10.60 -19.22 11.64
N TYR A 182 9.92 -19.02 12.77
CA TYR A 182 8.67 -18.27 12.80
C TYR A 182 8.67 -17.31 13.98
N GLN A 183 7.80 -16.31 13.87
CA GLN A 183 7.69 -15.22 14.82
C GLN A 183 6.46 -15.42 15.70
N ASP A 184 6.54 -14.89 16.92
CA ASP A 184 5.49 -15.03 17.92
C ASP A 184 5.58 -13.84 18.85
N PRO A 185 4.49 -13.44 19.50
CA PRO A 185 4.59 -12.38 20.52
C PRO A 185 5.54 -12.71 21.66
N GLN A 186 6.12 -13.91 21.69
CA GLN A 186 7.15 -14.25 22.67
C GLN A 186 8.56 -14.20 22.09
N GLY A 187 8.72 -14.36 20.78
CA GLY A 187 10.04 -14.32 20.16
C GLY A 187 10.04 -15.12 18.87
N ARG A 188 11.24 -15.47 18.43
CA ARG A 188 11.44 -16.26 17.21
C ARG A 188 11.87 -17.67 17.58
N HIS A 189 11.32 -18.66 16.88
CA HIS A 189 11.56 -20.05 17.21
C HIS A 189 11.74 -20.88 15.95
N VAL A 190 12.45 -21.99 16.11
CA VAL A 190 12.75 -22.92 15.02
C VAL A 190 12.09 -24.25 15.35
N LYS A 191 11.27 -24.75 14.43
CA LYS A 191 10.50 -25.97 14.67
C LYS A 191 10.60 -26.89 13.46
N THR A 192 10.45 -28.19 13.75
CA THR A 192 10.46 -29.23 12.74
C THR A 192 9.13 -29.96 12.74
N TYR A 193 8.59 -30.18 11.54
CA TYR A 193 7.36 -30.92 11.34
C TYR A 193 7.62 -32.03 10.34
N GLU A 194 6.82 -33.09 10.40
CA GLU A 194 6.94 -34.22 9.50
C GLU A 194 5.66 -34.31 8.67
N VAL A 195 5.83 -34.41 7.35
CA VAL A 195 4.69 -34.36 6.43
C VAL A 195 4.24 -35.79 6.12
N SER A 196 3.13 -36.21 6.72
CA SER A 196 2.53 -37.50 6.41
C SER A 196 1.64 -37.31 5.19
N LEU A 197 2.16 -37.72 4.03
CA LEU A 197 1.38 -37.62 2.80
C LEU A 197 0.19 -38.57 2.83
N ARG A 198 0.41 -39.81 3.27
CA ARG A 198 -0.68 -40.78 3.31
C ARG A 198 -1.86 -40.23 4.10
N GLU A 199 -1.62 -39.72 5.29
CA GLU A 199 -2.67 -39.14 6.10
C GLU A 199 -2.91 -37.67 5.81
N LYS A 200 -2.12 -37.07 4.92
CA LYS A 200 -2.24 -35.67 4.56
C LYS A 200 -2.33 -34.80 5.81
N GLU A 201 -1.26 -34.83 6.61
CA GLU A 201 -1.25 -34.08 7.86
C GLU A 201 0.20 -33.86 8.29
N PHE A 202 0.34 -33.20 9.44
CA PHE A 202 1.63 -32.97 10.07
C PHE A 202 1.79 -33.88 11.28
N ASN A 203 3.04 -34.17 11.61
CA ASN A 203 3.39 -35.06 12.71
C ASN A 203 4.61 -34.50 13.42
N LYS A 204 4.81 -34.96 14.66
CA LYS A 204 5.85 -34.40 15.51
C LYS A 204 7.22 -34.51 14.84
N GLY A 205 8.00 -33.44 14.94
CA GLY A 205 9.28 -33.38 14.28
C GLY A 205 10.40 -33.93 15.13
N PRO A 206 11.58 -34.08 14.52
CA PRO A 206 12.71 -34.66 15.23
C PRO A 206 13.15 -33.85 16.44
N TRP A 207 13.50 -32.59 16.25
CA TRP A 207 13.97 -31.74 17.34
C TRP A 207 13.01 -30.59 17.54
N LYS A 208 12.62 -30.37 18.80
CA LYS A 208 11.48 -29.54 19.12
C LYS A 208 11.85 -28.06 19.07
N GLN A 209 10.90 -27.24 19.50
CA GLN A 209 11.06 -25.80 19.43
C GLN A 209 12.24 -25.34 20.29
N GLU A 210 12.93 -24.31 19.79
CA GLU A 210 14.03 -23.70 20.49
C GLU A 210 14.01 -22.21 20.22
N ASN A 211 14.52 -21.44 21.16
CA ASN A 211 14.67 -20.00 20.94
C ASN A 211 15.91 -19.73 20.10
N VAL A 212 15.79 -18.78 19.18
CA VAL A 212 16.90 -18.33 18.36
C VAL A 212 16.99 -16.81 18.49
N GLU A 213 17.91 -16.22 17.72
CA GLU A 213 18.16 -14.80 17.86
C GLU A 213 16.90 -14.00 17.56
N ALA A 214 16.95 -12.70 17.87
CA ALA A 214 15.81 -11.84 17.65
C ALA A 214 15.72 -11.34 16.23
N GLU A 215 16.67 -11.71 15.36
CA GLU A 215 16.65 -11.27 13.97
C GLU A 215 17.01 -12.40 13.02
N ALA A 216 16.78 -13.65 13.40
CA ALA A 216 17.04 -14.76 12.50
C ALA A 216 16.25 -14.57 11.21
N SER A 217 16.90 -14.84 10.10
CA SER A 217 16.33 -14.51 8.80
C SER A 217 16.29 -15.69 7.83
N MET A 218 17.30 -16.55 7.84
CA MET A 218 17.42 -17.58 6.82
C MET A 218 17.85 -18.90 7.41
N VAL A 219 17.24 -19.97 6.90
CA VAL A 219 17.54 -21.35 7.27
C VAL A 219 18.27 -22.00 6.11
N ILE A 220 19.38 -22.66 6.42
CA ILE A 220 20.20 -23.37 5.44
C ILE A 220 20.23 -24.83 5.84
N ALA A 221 19.90 -25.71 4.91
CA ALA A 221 19.85 -27.14 5.20
C ALA A 221 21.22 -27.73 4.90
N VAL A 222 21.95 -28.07 5.95
CA VAL A 222 23.26 -28.68 5.81
C VAL A 222 23.06 -30.12 5.38
N PRO A 223 23.58 -30.57 4.24
CA PRO A 223 23.33 -31.93 3.80
C PRO A 223 24.10 -32.93 4.64
N GLU A 224 23.84 -34.21 4.37
CA GLU A 224 24.58 -35.27 5.02
C GLU A 224 26.04 -35.21 4.57
N PRO A 225 26.97 -35.73 5.38
CA PRO A 225 26.73 -36.41 6.65
C PRO A 225 26.68 -35.47 7.84
N PHE A 226 26.74 -34.17 7.59
CA PHE A 226 26.66 -33.21 8.69
C PHE A 226 25.25 -33.19 9.28
N GLY A 227 24.27 -32.82 8.48
CA GLY A 227 22.88 -32.83 8.90
C GLY A 227 22.50 -31.58 9.66
N GLY A 228 21.20 -31.43 9.88
CA GLY A 228 20.69 -30.35 10.68
C GLY A 228 20.49 -29.07 9.88
N ALA A 229 20.39 -27.97 10.62
CA ALA A 229 20.09 -26.68 10.03
C ALA A 229 21.03 -25.62 10.57
N ILE A 230 21.25 -24.60 9.76
CA ILE A 230 22.01 -23.41 10.17
C ILE A 230 21.07 -22.22 10.06
N ILE A 231 20.97 -21.45 11.13
CA ILE A 231 20.14 -20.27 11.18
C ILE A 231 21.09 -19.07 11.18
N ILE A 232 20.94 -18.20 10.18
CA ILE A 232 21.86 -17.08 10.02
C ILE A 232 21.07 -15.80 10.24
N GLY A 233 21.14 -15.27 11.46
CA GLY A 233 20.59 -13.98 11.77
C GLY A 233 21.57 -12.88 11.43
N GLN A 234 21.24 -11.67 11.87
CA GLN A 234 22.09 -10.52 11.58
C GLN A 234 23.24 -10.39 12.56
N GLU A 235 23.20 -11.08 13.69
CA GLU A 235 24.23 -10.93 14.71
C GLU A 235 24.94 -12.23 15.04
N SER A 236 24.24 -13.35 15.01
CA SER A 236 24.84 -14.63 15.38
C SER A 236 24.43 -15.70 14.38
N ILE A 237 25.38 -16.59 14.08
CA ILE A 237 25.16 -17.76 13.24
C ILE A 237 25.07 -18.97 14.15
N THR A 238 23.97 -19.71 14.05
CA THR A 238 23.72 -20.85 14.92
C THR A 238 23.51 -22.10 14.08
N TYR A 239 23.75 -23.25 14.69
CA TYR A 239 23.54 -24.53 14.05
C TYR A 239 22.88 -25.48 15.05
N HIS A 240 21.79 -26.13 14.59
CA HIS A 240 21.01 -27.06 15.40
C HIS A 240 20.93 -28.40 14.70
N ASN A 241 21.18 -29.47 15.43
CA ASN A 241 21.04 -30.82 14.88
C ASN A 241 20.92 -31.80 16.03
N GLY A 242 19.73 -32.36 16.23
CA GLY A 242 19.55 -33.31 17.31
C GLY A 242 19.90 -32.71 18.66
N ASP A 243 21.03 -33.13 19.22
CA ASP A 243 21.49 -32.64 20.52
C ASP A 243 22.67 -31.68 20.40
N LYS A 244 23.13 -31.39 19.20
CA LYS A 244 24.27 -30.51 18.98
C LYS A 244 23.77 -29.12 18.63
N TYR A 245 24.12 -28.14 19.47
CA TYR A 245 23.76 -26.74 19.26
C TYR A 245 25.03 -25.91 19.38
N LEU A 246 25.45 -25.29 18.29
CA LEU A 246 26.65 -24.45 18.29
C LEU A 246 26.30 -23.08 17.77
N ALA A 247 27.15 -22.10 18.06
CA ALA A 247 26.84 -20.74 17.68
C ALA A 247 28.09 -19.89 17.67
N ILE A 248 28.00 -18.76 16.99
CA ILE A 248 29.04 -17.72 16.99
C ILE A 248 28.37 -16.38 16.73
N ALA A 249 29.16 -15.31 16.89
CA ALA A 249 28.71 -13.96 16.55
C ALA A 249 29.93 -13.16 16.11
N PRO A 250 30.49 -13.49 14.94
CA PRO A 250 31.74 -12.86 14.53
C PRO A 250 31.54 -11.37 14.33
N PRO A 251 32.57 -10.56 14.59
CA PRO A 251 32.40 -9.10 14.48
C PRO A 251 32.21 -8.62 13.04
N ILE A 252 32.51 -9.45 12.04
CA ILE A 252 32.51 -8.96 10.67
C ILE A 252 31.10 -8.67 10.17
N ILE A 253 30.15 -9.58 10.45
CA ILE A 253 28.83 -9.48 9.84
C ILE A 253 28.00 -8.34 10.42
N LYS A 254 28.44 -7.74 11.52
CA LYS A 254 27.57 -6.81 12.24
C LYS A 254 27.14 -5.64 11.37
N GLN A 255 27.99 -5.20 10.44
CA GLN A 255 27.69 -4.01 9.66
C GLN A 255 26.45 -4.20 8.79
N SER A 256 26.37 -5.33 8.09
CA SER A 256 25.30 -5.57 7.13
C SER A 256 24.76 -6.98 7.28
N THR A 257 23.47 -7.14 7.02
CA THR A 257 22.80 -8.42 7.15
C THR A 257 23.14 -9.32 5.98
N ILE A 258 22.77 -10.59 6.11
CA ILE A 258 22.98 -11.58 5.05
C ILE A 258 21.65 -11.82 4.35
N VAL A 259 21.64 -11.70 3.03
CA VAL A 259 20.41 -11.77 2.25
C VAL A 259 20.54 -12.74 1.09
N CYS A 260 21.43 -13.71 1.20
CA CYS A 260 21.56 -14.74 0.17
C CYS A 260 22.58 -15.77 0.65
N HIS A 261 22.66 -16.86 -0.09
CA HIS A 261 23.60 -17.93 0.22
C HIS A 261 23.53 -18.98 -0.88
N ASN A 262 24.50 -19.90 -0.85
CA ASN A 262 24.49 -21.05 -1.73
C ASN A 262 25.39 -22.11 -1.12
N ARG A 263 25.47 -23.26 -1.77
CA ARG A 263 26.30 -24.36 -1.34
C ARG A 263 27.45 -24.54 -2.32
N VAL A 264 28.68 -24.40 -1.84
CA VAL A 264 29.82 -24.51 -2.73
C VAL A 264 30.27 -25.95 -2.90
N ASP A 265 30.20 -26.76 -1.86
CA ASP A 265 30.62 -28.14 -1.93
C ASP A 265 29.43 -29.08 -1.81
N PRO A 266 29.49 -30.26 -2.45
CA PRO A 266 28.38 -31.20 -2.33
C PRO A 266 28.12 -31.65 -0.90
N ASN A 267 29.16 -31.76 -0.07
CA ASN A 267 29.02 -32.25 1.29
C ASN A 267 28.70 -31.14 2.29
N GLY A 268 28.56 -29.90 1.83
CA GLY A 268 28.16 -28.83 2.71
C GLY A 268 29.15 -28.49 3.80
N SER A 269 30.44 -28.57 3.51
CA SER A 269 31.47 -28.15 4.44
C SER A 269 31.92 -26.72 4.22
N ARG A 270 31.29 -26.00 3.29
CA ARG A 270 31.69 -24.65 2.95
C ARG A 270 30.48 -23.96 2.33
N TYR A 271 30.23 -22.72 2.74
CA TYR A 271 29.06 -22.01 2.28
C TYR A 271 29.43 -20.55 2.02
N LEU A 272 28.72 -19.95 1.06
CA LEU A 272 28.89 -18.53 0.76
C LEU A 272 27.75 -17.74 1.37
N LEU A 273 27.97 -16.44 1.50
CA LEU A 273 26.94 -15.54 1.99
C LEU A 273 27.20 -14.16 1.39
N GLY A 274 26.13 -13.45 1.09
CA GLY A 274 26.26 -12.12 0.54
C GLY A 274 25.40 -11.11 1.27
N ASP A 275 26.00 -10.02 1.71
CA ASP A 275 25.26 -9.03 2.48
C ASP A 275 24.58 -8.05 1.53
N MET A 276 23.93 -7.05 2.13
CA MET A 276 23.28 -6.02 1.34
C MET A 276 24.30 -5.05 0.74
N GLU A 277 25.44 -4.88 1.39
CA GLU A 277 26.44 -3.91 0.95
C GLU A 277 27.46 -4.50 0.00
N GLY A 278 27.42 -5.80 -0.25
CA GLY A 278 28.26 -6.43 -1.24
C GLY A 278 29.26 -7.43 -0.67
N ARG A 279 29.62 -7.31 0.59
CA ARG A 279 30.65 -8.19 1.14
C ARG A 279 30.24 -9.64 0.95
N LEU A 280 31.20 -10.45 0.52
CA LEU A 280 30.97 -11.86 0.21
C LEU A 280 31.71 -12.67 1.26
N PHE A 281 30.97 -13.17 2.25
CA PHE A 281 31.55 -13.93 3.35
C PHE A 281 31.52 -15.41 3.01
N MET A 282 32.33 -16.17 3.75
CA MET A 282 32.55 -17.59 3.48
C MET A 282 32.50 -18.33 4.81
N LEU A 283 31.36 -18.94 5.11
CA LEU A 283 31.18 -19.71 6.34
C LEU A 283 31.78 -21.10 6.15
N LEU A 284 32.72 -21.46 7.02
CA LEU A 284 33.36 -22.76 6.97
C LEU A 284 32.99 -23.58 8.20
N LEU A 285 32.66 -24.83 7.99
CA LEU A 285 32.33 -25.75 9.07
C LEU A 285 33.59 -26.52 9.47
N GLU A 286 33.57 -27.05 10.70
CA GLU A 286 34.71 -27.77 11.25
C GLU A 286 34.44 -29.27 11.11
N LYS A 287 34.60 -29.76 9.89
CA LYS A 287 34.34 -31.17 9.62
C LYS A 287 35.25 -32.09 10.41
N GLU A 288 36.38 -31.58 10.91
CA GLU A 288 37.40 -32.44 11.53
C GLU A 288 36.85 -33.33 12.62
N GLU A 289 35.66 -33.04 13.15
CA GLU A 289 35.09 -33.84 14.23
C GLU A 289 34.63 -35.18 13.70
N GLN A 290 35.56 -36.01 13.24
CA GLN A 290 35.27 -37.37 12.79
C GLN A 290 35.73 -38.32 13.90
N MET A 291 34.77 -38.96 14.56
CA MET A 291 35.06 -39.82 15.69
C MET A 291 34.73 -41.28 15.40
N ASP A 292 33.50 -41.57 15.00
CA ASP A 292 33.05 -42.94 14.80
C ASP A 292 32.16 -43.03 13.56
N GLY A 293 32.57 -42.37 12.48
CA GLY A 293 31.78 -42.33 11.27
C GLY A 293 30.72 -41.24 11.26
N THR A 294 30.45 -40.63 12.40
CA THR A 294 29.50 -39.52 12.49
C THR A 294 30.29 -38.22 12.62
N VAL A 295 30.04 -37.28 11.72
CA VAL A 295 30.75 -36.02 11.69
C VAL A 295 29.87 -34.95 12.35
N THR A 296 30.48 -34.15 13.20
CA THR A 296 29.77 -33.11 13.94
C THR A 296 30.55 -31.81 13.87
N LEU A 297 29.84 -30.70 14.05
CA LEU A 297 30.46 -29.39 13.98
C LEU A 297 31.39 -29.15 15.16
N LYS A 298 32.44 -28.36 14.92
CA LYS A 298 33.33 -27.89 15.97
C LYS A 298 33.68 -26.41 15.86
N ASP A 299 33.32 -25.74 14.77
CA ASP A 299 33.60 -24.31 14.63
C ASP A 299 32.79 -23.78 13.47
N LEU A 300 32.66 -22.45 13.42
CA LEU A 300 31.87 -21.80 12.37
C LEU A 300 32.56 -20.53 11.88
N ARG A 301 33.88 -20.59 11.71
CA ARG A 301 34.63 -19.43 11.26
C ARG A 301 33.93 -18.74 10.11
N VAL A 302 33.84 -17.41 10.19
CA VAL A 302 33.34 -16.59 9.10
C VAL A 302 34.50 -15.74 8.61
N GLU A 303 34.87 -15.92 7.34
CA GLU A 303 35.99 -15.19 6.75
C GLU A 303 35.49 -14.34 5.59
N LEU A 304 36.03 -13.12 5.50
CA LEU A 304 35.64 -12.18 4.46
C LEU A 304 36.47 -12.45 3.22
N LEU A 305 35.80 -12.64 2.08
CA LEU A 305 36.51 -12.90 0.83
C LEU A 305 36.76 -11.62 0.06
N GLY A 306 35.74 -10.79 -0.10
CA GLY A 306 35.88 -9.62 -0.95
C GLY A 306 34.60 -8.82 -1.01
N GLU A 307 34.64 -7.78 -1.83
CA GLU A 307 33.51 -6.89 -2.04
C GLU A 307 33.03 -7.05 -3.47
N THR A 308 31.88 -7.68 -3.64
CA THR A 308 31.30 -7.94 -4.96
C THR A 308 30.00 -7.17 -5.11
N SER A 309 29.58 -7.01 -6.37
CA SER A 309 28.34 -6.32 -6.67
C SER A 309 27.22 -6.84 -5.79
N ILE A 310 26.26 -5.96 -5.46
CA ILE A 310 25.19 -6.35 -4.56
C ILE A 310 24.52 -7.60 -5.08
N ALA A 311 24.38 -8.59 -4.21
CA ALA A 311 23.98 -9.93 -4.62
C ALA A 311 22.52 -10.17 -4.23
N GLU A 312 21.65 -10.23 -5.24
CA GLU A 312 20.31 -10.76 -5.07
C GLU A 312 20.28 -12.27 -5.23
N CYS A 313 21.35 -12.85 -5.78
CA CYS A 313 21.53 -14.30 -5.71
C CYS A 313 22.98 -14.62 -6.01
N LEU A 314 23.42 -15.77 -5.50
CA LEU A 314 24.77 -16.25 -5.68
C LEU A 314 24.76 -17.72 -6.07
N THR A 315 25.55 -18.07 -7.06
CA THR A 315 25.76 -19.47 -7.41
C THR A 315 27.25 -19.71 -7.57
N TYR A 316 27.69 -20.90 -7.21
CA TYR A 316 29.10 -21.28 -7.31
C TYR A 316 29.22 -22.25 -8.49
N LEU A 317 29.65 -21.73 -9.63
CA LEU A 317 29.93 -22.59 -10.76
C LEU A 317 31.21 -23.37 -10.47
N ASP A 318 31.46 -24.38 -11.29
CA ASP A 318 32.59 -25.26 -11.02
C ASP A 318 33.92 -24.51 -11.21
N ASN A 319 34.94 -25.01 -10.52
CA ASN A 319 36.32 -24.53 -10.67
C ASN A 319 36.45 -23.06 -10.25
N GLY A 320 36.08 -22.78 -9.01
CA GLY A 320 36.41 -21.49 -8.42
C GLY A 320 35.85 -20.29 -9.15
N VAL A 321 34.72 -20.43 -9.82
CA VAL A 321 34.03 -19.31 -10.46
C VAL A 321 32.69 -19.14 -9.77
N VAL A 322 32.27 -17.89 -9.58
CA VAL A 322 31.03 -17.58 -8.88
C VAL A 322 30.22 -16.59 -9.71
N PHE A 323 28.95 -16.90 -9.91
CA PHE A 323 28.02 -15.98 -10.55
C PHE A 323 27.31 -15.19 -9.45
N VAL A 324 27.54 -13.88 -9.45
CA VAL A 324 26.87 -12.96 -8.55
C VAL A 324 25.78 -12.29 -9.39
N GLY A 325 24.54 -12.73 -9.21
CA GLY A 325 23.41 -12.15 -9.90
C GLY A 325 22.84 -10.99 -9.12
N SER A 326 23.11 -9.78 -9.58
CA SER A 326 22.70 -8.56 -8.92
C SER A 326 21.43 -8.04 -9.57
N ARG A 327 20.44 -7.72 -8.75
CA ARG A 327 19.19 -7.20 -9.26
C ARG A 327 19.20 -5.69 -9.42
N LEU A 328 20.14 -5.00 -8.78
CA LEU A 328 20.22 -3.56 -8.82
C LEU A 328 21.63 -3.10 -9.18
N GLY A 329 22.23 -3.81 -10.11
CA GLY A 329 23.54 -3.44 -10.61
C GLY A 329 24.03 -4.50 -11.57
N ASP A 330 25.13 -4.20 -12.24
CA ASP A 330 25.68 -5.15 -13.20
C ASP A 330 25.95 -6.48 -12.52
N SER A 331 25.55 -7.56 -13.17
CA SER A 331 25.86 -8.89 -12.67
C SER A 331 27.31 -9.21 -12.97
N GLN A 332 27.88 -10.12 -12.19
CA GLN A 332 29.29 -10.44 -12.31
C GLN A 332 29.53 -11.93 -12.39
N LEU A 333 30.56 -12.30 -13.14
CA LEU A 333 31.27 -13.56 -12.97
C LEU A 333 32.60 -13.21 -12.31
N VAL A 334 32.82 -13.75 -11.12
CA VAL A 334 34.00 -13.45 -10.32
C VAL A 334 34.73 -14.75 -10.02
N LYS A 335 35.96 -14.63 -9.54
CA LYS A 335 36.78 -15.79 -9.25
C LYS A 335 37.33 -15.70 -7.83
N LEU A 336 37.29 -16.84 -7.13
CA LEU A 336 37.80 -16.93 -5.76
C LEU A 336 39.19 -17.57 -5.82
N ASN A 337 40.19 -16.74 -6.13
CA ASN A 337 41.56 -17.23 -6.26
C ASN A 337 42.21 -17.31 -4.89
N VAL A 338 42.67 -18.51 -4.52
CA VAL A 338 43.31 -18.68 -3.23
C VAL A 338 44.66 -17.98 -3.18
N ASP A 339 45.42 -18.02 -4.28
CA ASP A 339 46.80 -17.56 -4.28
C ASP A 339 46.99 -16.18 -4.91
N SER A 340 45.91 -15.46 -5.19
CA SER A 340 46.02 -14.10 -5.73
C SER A 340 46.17 -13.10 -4.59
N ASN A 341 45.16 -13.01 -3.73
CA ASN A 341 45.23 -12.25 -2.49
C ASN A 341 45.85 -10.87 -2.71
N GLU A 342 45.49 -10.24 -3.83
CA GLU A 342 46.18 -9.04 -4.26
C GLU A 342 46.14 -7.95 -3.20
N GLN A 343 44.94 -7.61 -2.71
CA GLN A 343 44.75 -6.58 -1.70
C GLN A 343 44.12 -7.15 -0.43
N GLY A 344 44.29 -8.44 -0.19
CA GLY A 344 43.61 -9.11 0.89
C GLY A 344 42.25 -9.65 0.53
N SER A 345 41.69 -9.23 -0.59
CA SER A 345 40.43 -9.77 -1.10
C SER A 345 40.74 -10.82 -2.15
N TYR A 346 40.09 -11.96 -2.02
CA TYR A 346 40.33 -13.10 -2.89
C TYR A 346 39.51 -13.05 -4.16
N VAL A 347 38.71 -11.99 -4.34
CA VAL A 347 37.80 -11.87 -5.48
C VAL A 347 38.43 -10.98 -6.53
N VAL A 348 38.61 -11.53 -7.73
CA VAL A 348 39.08 -10.78 -8.88
C VAL A 348 38.02 -10.85 -9.96
N ALA A 349 37.57 -9.70 -10.44
CA ALA A 349 36.48 -9.66 -11.40
C ALA A 349 36.89 -10.37 -12.69
N MET A 350 35.95 -11.12 -13.27
CA MET A 350 36.19 -11.84 -14.52
C MET A 350 35.35 -11.31 -15.66
N GLU A 351 34.04 -11.23 -15.50
CA GLU A 351 33.16 -10.73 -16.56
C GLU A 351 32.01 -9.94 -15.96
N THR A 352 31.46 -9.03 -16.76
CA THR A 352 30.39 -8.15 -16.32
C THR A 352 29.23 -8.25 -17.30
N PHE A 353 28.04 -8.54 -16.78
CA PHE A 353 26.82 -8.64 -17.56
C PHE A 353 25.92 -7.46 -17.24
N THR A 354 25.31 -6.90 -18.28
CA THR A 354 24.60 -5.63 -18.15
C THR A 354 23.25 -5.83 -17.47
N ASN A 355 22.93 -4.95 -16.53
CA ASN A 355 21.66 -4.93 -15.81
C ASN A 355 21.16 -3.50 -15.90
N LEU A 356 20.38 -3.21 -16.95
CA LEU A 356 20.04 -1.82 -17.25
C LEU A 356 19.25 -1.20 -16.12
N GLY A 357 18.33 -1.96 -15.52
CA GLY A 357 17.53 -1.45 -14.43
C GLY A 357 18.26 -1.53 -13.11
N PRO A 358 17.60 -1.03 -12.06
CA PRO A 358 16.27 -0.42 -12.05
C PRO A 358 16.26 1.02 -12.52
N ILE A 359 15.63 1.25 -13.67
CA ILE A 359 15.50 2.60 -14.19
C ILE A 359 14.68 3.43 -13.22
N VAL A 360 15.18 4.62 -12.91
CA VAL A 360 14.44 5.57 -12.09
C VAL A 360 14.05 6.82 -12.87
N ASP A 361 14.70 7.08 -13.99
CA ASP A 361 14.34 8.21 -14.85
C ASP A 361 15.04 8.03 -16.19
N MET A 362 14.45 8.63 -17.21
CA MET A 362 14.80 8.31 -18.59
C MET A 362 14.57 9.55 -19.44
N CYS A 363 15.55 9.89 -20.27
CA CYS A 363 15.44 11.07 -21.13
C CYS A 363 15.86 10.68 -22.54
N VAL A 364 15.02 11.02 -23.51
CA VAL A 364 15.34 10.82 -24.92
C VAL A 364 15.92 12.11 -25.46
N VAL A 365 17.14 12.03 -26.00
CA VAL A 365 17.86 13.18 -26.50
C VAL A 365 18.51 12.81 -27.82
N ASP A 366 18.47 13.74 -28.77
CA ASP A 366 19.11 13.54 -30.07
C ASP A 366 20.56 14.02 -29.98
N LEU A 367 21.43 13.12 -29.53
CA LEU A 367 22.84 13.48 -29.35
C LEU A 367 23.48 13.83 -30.69
N GLU A 368 23.20 13.05 -31.73
CA GLU A 368 23.79 13.29 -33.04
C GLU A 368 23.04 14.44 -33.72
N ARG A 369 23.24 14.60 -35.02
CA ARG A 369 22.63 15.69 -35.78
C ARG A 369 21.20 15.30 -36.14
N GLN A 370 20.32 15.38 -35.14
CA GLN A 370 18.88 15.20 -35.35
C GLN A 370 18.55 13.83 -35.94
N GLY A 371 19.37 12.83 -35.67
CA GLY A 371 19.12 11.50 -36.19
C GLY A 371 18.23 10.70 -35.26
N GLN A 372 18.76 9.60 -34.73
CA GLN A 372 18.02 8.78 -33.79
C GLN A 372 17.74 9.56 -32.51
N GLY A 373 16.86 9.00 -31.69
CA GLY A 373 16.68 9.48 -30.33
C GLY A 373 17.35 8.57 -29.33
N GLN A 374 18.51 8.99 -28.82
CA GLN A 374 19.27 8.20 -27.88
C GLN A 374 18.65 8.29 -26.49
N LEU A 375 18.82 7.24 -25.70
CA LEU A 375 18.29 7.20 -24.34
C LEU A 375 19.40 7.43 -23.33
N VAL A 376 19.15 8.29 -22.35
CA VAL A 376 20.02 8.48 -21.20
C VAL A 376 19.18 8.15 -19.97
N THR A 377 19.59 7.11 -19.24
CA THR A 377 18.78 6.57 -18.15
C THR A 377 19.59 6.49 -16.87
N CYS A 378 18.94 6.84 -15.75
CA CYS A 378 19.56 6.79 -14.44
C CYS A 378 19.32 5.41 -13.85
N SER A 379 20.27 4.50 -14.01
CA SER A 379 20.11 3.12 -13.63
C SER A 379 20.85 2.81 -12.34
N GLY A 380 20.47 1.70 -11.72
CA GLY A 380 21.14 1.24 -10.53
C GLY A 380 20.74 2.01 -9.30
N ALA A 381 21.33 1.59 -8.17
CA ALA A 381 21.12 2.27 -6.90
C ALA A 381 22.28 1.92 -5.99
N PHE A 382 22.39 2.67 -4.89
CA PHE A 382 23.43 2.45 -3.88
C PHE A 382 24.78 2.67 -4.56
N LYS A 383 25.77 1.79 -4.38
CA LYS A 383 27.08 2.04 -4.96
C LYS A 383 27.06 1.86 -6.47
N GLU A 384 26.26 0.92 -6.98
CA GLU A 384 26.35 0.50 -8.36
C GLU A 384 25.52 1.37 -9.30
N GLY A 385 25.11 2.55 -8.86
CA GLY A 385 24.36 3.44 -9.73
C GLY A 385 25.20 3.93 -10.89
N SER A 386 24.52 4.35 -11.95
CA SER A 386 25.23 4.77 -13.15
C SER A 386 24.26 5.45 -14.10
N LEU A 387 24.82 6.09 -15.13
CA LEU A 387 24.07 6.55 -16.27
C LEU A 387 24.28 5.57 -17.42
N ARG A 388 23.23 5.29 -18.16
CA ARG A 388 23.30 4.37 -19.29
C ARG A 388 22.84 5.10 -20.54
N ILE A 389 23.65 5.03 -21.59
CA ILE A 389 23.31 5.57 -22.89
C ILE A 389 22.99 4.41 -23.81
N ILE A 390 21.79 4.45 -24.40
CA ILE A 390 21.30 3.39 -25.28
C ILE A 390 21.08 3.97 -26.66
N ARG A 391 21.65 3.31 -27.66
CA ARG A 391 21.47 3.66 -29.06
C ARG A 391 20.87 2.48 -29.80
N ASN A 392 20.16 2.78 -30.90
CA ASN A 392 19.48 1.74 -31.66
C ASN A 392 20.34 1.15 -32.76
N GLY A 393 21.34 1.90 -33.26
CA GLY A 393 22.19 1.42 -34.33
C GLY A 393 22.82 0.07 -34.04
N LYS A 709 19.52 -4.64 -32.76
CA LYS A 709 20.39 -4.68 -31.60
C LYS A 709 20.58 -3.29 -31.03
N LEU A 710 20.49 -3.17 -29.71
CA LEU A 710 20.80 -1.94 -29.01
C LEU A 710 22.26 -1.95 -28.55
N HIS A 711 22.82 -0.76 -28.41
CA HIS A 711 24.17 -0.58 -27.91
C HIS A 711 24.10 0.24 -26.64
N ILE A 712 24.60 -0.32 -25.54
CA ILE A 712 24.50 0.28 -24.21
C ILE A 712 25.91 0.60 -23.73
N ARG A 713 26.11 1.85 -23.32
CA ARG A 713 27.39 2.26 -22.74
C ARG A 713 27.15 2.90 -21.38
N THR A 714 28.11 2.70 -20.49
CA THR A 714 27.95 2.99 -19.07
C THR A 714 28.79 4.20 -18.66
N VAL A 715 28.25 4.95 -17.71
CA VAL A 715 28.95 6.04 -17.04
C VAL A 715 28.75 5.83 -15.55
N PRO A 716 29.61 5.05 -14.89
CA PRO A 716 29.44 4.83 -13.46
C PRO A 716 29.53 6.13 -12.68
N LEU A 717 28.68 6.25 -11.66
CA LEU A 717 28.72 7.36 -10.74
C LEU A 717 29.18 6.96 -9.34
N TYR A 718 29.16 5.68 -9.01
CA TYR A 718 29.49 5.21 -7.67
C TYR A 718 28.60 5.85 -6.62
N GLU A 719 27.35 6.09 -6.99
CA GLU A 719 26.35 6.66 -6.09
C GLU A 719 24.99 6.47 -6.76
N SER A 720 23.94 6.77 -6.02
CA SER A 720 22.59 6.55 -6.53
C SER A 720 22.12 7.78 -7.29
N PRO A 721 21.72 7.66 -8.55
CA PRO A 721 21.07 8.77 -9.25
C PRO A 721 19.56 8.72 -9.14
N ARG A 722 18.95 9.89 -9.24
CA ARG A 722 17.51 10.03 -9.09
C ARG A 722 16.83 10.40 -10.40
N LYS A 723 17.25 11.49 -11.04
CA LYS A 723 16.58 12.00 -12.22
C LYS A 723 17.62 12.47 -13.23
N ILE A 724 17.17 12.63 -14.47
CA ILE A 724 18.04 13.01 -15.59
C ILE A 724 17.31 14.05 -16.44
N CYS A 725 18.02 15.10 -16.81
CA CYS A 725 17.51 16.06 -17.78
C CYS A 725 18.66 16.54 -18.65
N TYR A 726 18.32 17.12 -19.80
CA TYR A 726 19.30 17.46 -20.82
C TYR A 726 19.16 18.92 -21.24
N GLN A 727 20.27 19.64 -21.23
CA GLN A 727 20.33 21.03 -21.70
C GLN A 727 21.17 21.09 -22.96
N GLU A 728 20.61 21.71 -24.00
CA GLU A 728 21.28 21.78 -25.29
C GLU A 728 22.25 22.96 -25.37
N VAL A 729 21.81 24.16 -25.01
CA VAL A 729 22.69 25.32 -25.11
C VAL A 729 23.82 25.26 -24.10
N SER A 730 23.85 24.23 -23.26
CA SER A 730 24.99 23.96 -22.40
C SER A 730 25.58 22.57 -22.62
N GLN A 731 24.96 21.76 -23.48
CA GLN A 731 25.48 20.44 -23.82
C GLN A 731 25.75 19.62 -22.56
N CYS A 732 24.79 19.64 -21.62
CA CYS A 732 25.05 19.05 -20.31
C CYS A 732 23.83 18.32 -19.79
N PHE A 733 24.06 17.16 -19.19
CA PHE A 733 23.05 16.47 -18.42
C PHE A 733 23.05 16.99 -16.99
N GLY A 734 21.86 17.13 -16.42
CA GLY A 734 21.70 17.36 -15.00
C GLY A 734 21.15 16.11 -14.34
N VAL A 735 21.84 15.64 -13.32
CA VAL A 735 21.51 14.38 -12.66
C VAL A 735 21.47 14.61 -11.16
N LEU A 736 20.33 14.37 -10.55
CA LEU A 736 20.24 14.35 -9.10
C LEU A 736 20.79 13.03 -8.58
N SER A 737 21.53 13.09 -7.46
CA SER A 737 22.19 11.92 -6.93
C SER A 737 22.19 11.96 -5.41
N SER A 738 22.36 10.78 -4.81
CA SER A 738 22.40 10.61 -3.37
C SER A 738 23.59 9.72 -3.02
N ARG A 739 24.26 10.03 -1.91
CA ARG A 739 25.26 9.13 -1.37
C ARG A 739 25.06 9.03 0.14
N ILE A 740 25.49 7.91 0.69
CA ILE A 740 25.26 7.60 2.10
C ILE A 740 26.56 7.79 2.86
N GLU A 741 26.56 8.70 3.82
CA GLU A 741 27.69 8.95 4.69
C GLU A 741 27.37 8.45 6.10
N VAL A 742 28.42 8.31 6.90
CA VAL A 742 28.31 7.81 8.27
C VAL A 742 28.68 8.96 9.21
N GLN A 743 27.88 9.13 10.26
CA GLN A 743 28.14 10.19 11.22
C GLN A 743 29.45 9.92 11.95
N ASP A 744 30.29 10.95 12.05
CA ASP A 744 31.56 10.84 12.74
C ASP A 744 31.41 11.25 14.20
N THR A 745 32.45 10.96 14.98
CA THR A 745 32.49 11.45 16.35
C THR A 745 32.56 12.96 16.42
N SER A 746 32.96 13.62 15.34
CA SER A 746 33.07 15.07 15.31
C SER A 746 31.73 15.77 15.13
N GLY A 747 30.64 15.01 15.02
CA GLY A 747 29.34 15.59 14.75
C GLY A 747 29.01 15.73 13.29
N GLY A 748 29.97 15.47 12.40
CA GLY A 748 29.77 15.56 10.97
C GLY A 748 29.60 14.21 10.33
N THR A 749 29.75 14.18 9.00
CA THR A 749 29.55 12.98 8.21
C THR A 749 30.77 12.72 7.35
N THR A 750 31.16 11.46 7.25
CA THR A 750 32.26 11.03 6.41
C THR A 750 31.74 10.10 5.33
N ALA A 751 32.26 10.26 4.12
CA ALA A 751 31.83 9.46 2.98
C ALA A 751 32.47 8.09 3.03
N LEU A 752 31.70 7.07 2.66
CA LEU A 752 32.21 5.71 2.65
C LEU A 752 33.09 5.45 1.43
N ARG A 753 32.79 6.07 0.31
CA ARG A 753 33.42 5.77 -0.97
C ARG A 753 33.78 7.08 -1.65
N PRO A 754 34.69 7.03 -2.62
CA PRO A 754 34.97 8.23 -3.42
C PRO A 754 33.94 8.43 -4.52
N SER A 755 32.74 8.85 -4.10
CA SER A 755 31.62 8.92 -5.03
C SER A 755 31.83 10.02 -6.07
N ALA A 756 31.06 9.93 -7.15
CA ALA A 756 31.19 10.90 -8.23
C ALA A 756 30.80 12.30 -7.77
N SER A 757 29.91 12.39 -6.79
CA SER A 757 29.51 13.70 -6.30
C SER A 757 30.64 14.42 -5.58
N THR A 758 31.74 13.73 -5.28
CA THR A 758 32.89 14.34 -4.64
C THR A 758 34.09 14.50 -5.55
N GLN A 759 34.17 13.73 -6.64
CA GLN A 759 35.31 13.76 -7.55
C GLN A 759 35.09 14.69 -8.73
N ALA A 760 34.33 15.76 -8.54
CA ALA A 760 34.07 16.70 -9.62
C ALA A 760 35.26 17.63 -9.82
N LEU A 761 35.40 18.12 -11.05
CA LEU A 761 36.43 19.11 -11.33
C LEU A 761 36.22 20.36 -10.49
N SER A 762 34.97 20.82 -10.41
CA SER A 762 34.59 21.94 -9.57
C SER A 762 33.41 21.52 -8.72
N SER A 763 33.36 22.01 -7.48
CA SER A 763 32.35 21.61 -6.53
C SER A 763 31.80 22.83 -5.83
N SER A 764 30.57 22.69 -5.31
CA SER A 764 30.00 23.74 -4.48
C SER A 764 29.09 23.11 -3.43
N VAL A 765 28.91 23.84 -2.34
CA VAL A 765 27.99 23.44 -1.27
C VAL A 765 26.99 24.57 -1.07
N SER A 766 25.71 24.22 -1.04
CA SER A 766 24.67 25.23 -0.98
C SER A 766 24.76 26.01 0.32
N SER A 767 24.62 27.33 0.20
CA SER A 767 24.62 28.23 1.35
C SER A 767 23.29 28.96 1.41
N SER A 768 22.65 28.93 2.56
CA SER A 768 21.37 29.62 2.75
C SER A 768 21.05 29.83 4.22
N THR A 780 20.98 12.07 14.84
CA THR A 780 21.79 12.81 15.79
C THR A 780 22.75 11.87 16.54
N SER A 781 22.72 10.59 16.17
CA SER A 781 23.48 9.57 16.89
C SER A 781 24.82 9.32 16.18
N PHE A 782 25.52 8.29 16.65
CA PHE A 782 26.76 7.82 16.06
C PHE A 782 26.53 6.48 15.38
N GLY A 783 26.96 6.37 14.13
CA GLY A 783 26.76 5.17 13.34
C GLY A 783 25.57 5.21 12.42
N GLU A 784 24.72 6.23 12.52
CA GLU A 784 23.55 6.33 11.66
C GLU A 784 23.95 6.75 10.26
N GLU A 785 23.16 6.32 9.28
CA GLU A 785 23.41 6.61 7.88
C GLU A 785 22.67 7.87 7.48
N VAL A 786 23.39 8.85 6.96
CA VAL A 786 22.82 10.13 6.56
C VAL A 786 22.98 10.27 5.06
N GLU A 787 21.88 10.59 4.38
CA GLU A 787 21.87 10.74 2.93
C GLU A 787 22.25 12.18 2.57
N VAL A 788 23.27 12.34 1.73
CA VAL A 788 23.70 13.63 1.23
C VAL A 788 23.35 13.68 -0.25
N HIS A 789 22.69 14.76 -0.66
CA HIS A 789 22.13 14.90 -1.99
C HIS A 789 22.87 15.95 -2.81
N ASN A 790 23.10 15.62 -4.08
CA ASN A 790 23.86 16.46 -4.99
C ASN A 790 23.13 16.59 -6.32
N LEU A 791 23.49 17.64 -7.04
CA LEU A 791 23.15 17.80 -8.45
C LEU A 791 24.45 17.81 -9.24
N LEU A 792 24.55 16.92 -10.22
CA LEU A 792 25.75 16.79 -11.04
C LEU A 792 25.46 17.29 -12.44
N ILE A 793 26.32 18.17 -12.94
CA ILE A 793 26.34 18.56 -14.34
C ILE A 793 27.39 17.69 -15.01
N ILE A 794 26.95 16.88 -15.96
CA ILE A 794 27.78 15.89 -16.64
C ILE A 794 27.83 16.23 -18.12
N ASP A 795 29.04 16.32 -18.67
CA ASP A 795 29.19 16.62 -20.09
C ASP A 795 28.65 15.46 -20.93
N GLN A 796 28.16 15.79 -22.13
CA GLN A 796 27.50 14.82 -22.96
C GLN A 796 28.43 14.15 -23.98
N HIS A 797 29.70 14.54 -24.04
CA HIS A 797 30.64 13.95 -24.97
C HIS A 797 31.56 12.92 -24.30
N THR A 798 32.16 13.27 -23.16
CA THR A 798 33.04 12.36 -22.46
C THR A 798 32.40 11.75 -21.23
N PHE A 799 31.33 12.36 -20.71
CA PHE A 799 30.63 11.86 -19.53
C PHE A 799 31.51 11.96 -18.28
N GLU A 800 32.24 13.06 -18.18
CA GLU A 800 33.01 13.38 -16.99
C GLU A 800 32.26 14.44 -16.19
N VAL A 801 32.27 14.30 -14.88
CA VAL A 801 31.47 15.18 -14.03
C VAL A 801 32.04 16.59 -14.13
N LEU A 802 31.35 17.47 -14.85
CA LEU A 802 31.81 18.84 -14.96
C LEU A 802 31.52 19.64 -13.71
N HIS A 803 30.51 19.27 -12.93
CA HIS A 803 30.26 20.02 -11.70
C HIS A 803 29.37 19.20 -10.77
N ALA A 804 29.44 19.54 -9.48
CA ALA A 804 28.64 18.89 -8.45
C ALA A 804 28.29 19.91 -7.38
N HIS A 805 27.03 19.91 -6.96
CA HIS A 805 26.51 20.89 -6.02
C HIS A 805 25.76 20.17 -4.91
N GLN A 806 26.20 20.36 -3.67
CA GLN A 806 25.62 19.70 -2.50
C GLN A 806 24.54 20.57 -1.89
N PHE A 807 23.45 19.94 -1.46
CA PHE A 807 22.31 20.63 -0.89
C PHE A 807 22.48 20.77 0.62
N LEU A 808 21.55 21.49 1.24
CA LEU A 808 21.65 21.73 2.67
C LEU A 808 21.41 20.44 3.45
N GLN A 809 21.94 20.42 4.67
CA GLN A 809 21.84 19.23 5.50
C GLN A 809 20.37 18.83 5.70
N ASN A 810 20.12 17.52 5.61
CA ASN A 810 18.78 16.98 5.79
C ASN A 810 17.81 17.51 4.74
N GLU A 811 18.30 17.69 3.51
CA GLU A 811 17.49 18.07 2.37
C GLU A 811 17.39 16.90 1.42
N TYR A 812 16.34 16.90 0.60
CA TYR A 812 16.07 15.79 -0.32
C TYR A 812 15.57 16.39 -1.63
N ALA A 813 16.39 16.31 -2.67
CA ALA A 813 15.99 16.79 -3.98
C ALA A 813 15.04 15.78 -4.61
N LEU A 814 13.91 16.26 -5.13
CA LEU A 814 12.84 15.41 -5.63
C LEU A 814 12.60 15.54 -7.13
N SER A 815 12.62 16.75 -7.66
CA SER A 815 12.26 17.00 -9.05
C SER A 815 13.32 17.84 -9.73
N LEU A 816 13.48 17.62 -11.03
CA LEU A 816 14.48 18.32 -11.83
C LEU A 816 13.94 18.51 -13.24
N VAL A 817 14.06 19.74 -13.75
CA VAL A 817 13.59 20.06 -15.10
C VAL A 817 14.56 21.02 -15.75
N SER A 818 14.84 20.80 -17.03
CA SER A 818 15.67 21.68 -17.85
C SER A 818 14.75 22.35 -18.85
N CYS A 819 14.41 23.61 -18.60
CA CYS A 819 13.38 24.28 -19.38
C CYS A 819 13.53 25.79 -19.25
N LYS A 820 13.47 26.47 -20.38
CA LYS A 820 13.53 27.92 -20.38
C LYS A 820 12.17 28.48 -19.95
N LEU A 821 12.21 29.68 -19.37
CA LEU A 821 11.02 30.31 -18.83
C LEU A 821 10.84 31.69 -19.45
N GLY A 822 9.59 32.03 -19.72
CA GLY A 822 9.26 33.41 -20.07
C GLY A 822 10.10 33.93 -21.21
N LYS A 823 10.76 35.06 -20.97
CA LYS A 823 11.51 35.77 -22.00
C LYS A 823 13.01 35.73 -21.78
N ASP A 824 13.50 35.00 -20.79
CA ASP A 824 14.93 34.90 -20.56
C ASP A 824 15.54 33.94 -21.56
N PRO A 825 16.47 34.38 -22.41
CA PRO A 825 16.95 33.49 -23.48
C PRO A 825 17.58 32.20 -22.99
N ASN A 826 18.30 32.26 -21.88
CA ASN A 826 19.10 31.13 -21.43
C ASN A 826 18.23 30.04 -20.81
N THR A 827 18.75 28.82 -20.82
CA THR A 827 18.03 27.65 -20.32
C THR A 827 18.49 27.34 -18.90
N TYR A 828 17.56 27.35 -17.96
CA TYR A 828 17.86 27.19 -16.56
C TYR A 828 17.68 25.75 -16.13
N PHE A 829 18.31 25.40 -15.01
CA PHE A 829 18.00 24.18 -14.30
C PHE A 829 17.08 24.56 -13.15
N ILE A 830 16.13 23.70 -12.81
CA ILE A 830 15.28 23.91 -11.65
C ILE A 830 15.21 22.63 -10.85
N VAL A 831 15.40 22.73 -9.53
CA VAL A 831 15.35 21.59 -8.64
C VAL A 831 14.41 21.91 -7.50
N GLY A 832 13.52 20.98 -7.19
CA GLY A 832 12.66 21.07 -6.02
C GLY A 832 13.24 20.23 -4.89
N THR A 833 13.17 20.74 -3.67
CA THR A 833 13.77 20.09 -2.52
C THR A 833 12.78 20.10 -1.36
N ALA A 834 12.73 19.00 -0.63
CA ALA A 834 11.97 18.91 0.61
C ALA A 834 12.92 18.53 1.74
N MET A 835 12.80 19.22 2.87
CA MET A 835 13.65 18.93 4.01
C MET A 835 12.91 17.96 4.93
N VAL A 836 13.47 16.77 5.10
CA VAL A 836 12.89 15.72 5.91
C VAL A 836 13.73 15.54 7.15
N TYR A 837 13.06 15.40 8.29
CA TYR A 837 13.70 15.06 9.54
C TYR A 837 13.10 13.76 10.08
N PRO A 838 13.90 12.90 10.71
CA PRO A 838 13.39 11.56 11.05
C PRO A 838 12.21 11.55 12.00
N GLU A 839 11.98 12.64 12.74
CA GLU A 839 10.90 12.67 13.71
C GLU A 839 9.56 13.09 13.11
N GLU A 840 9.53 13.56 11.86
CA GLU A 840 8.31 13.99 11.21
C GLU A 840 7.95 13.02 10.09
N ALA A 841 6.72 13.16 9.59
CA ALA A 841 6.20 12.31 8.53
C ALA A 841 6.10 13.05 7.20
N GLU A 842 5.39 14.16 7.17
CA GLU A 842 5.18 14.94 5.95
C GLU A 842 6.03 16.19 6.00
N PRO A 843 7.02 16.34 5.13
CA PRO A 843 7.90 17.52 5.20
C PRO A 843 7.11 18.81 5.28
N LYS A 844 7.39 19.59 6.32
CA LYS A 844 6.72 20.85 6.57
C LYS A 844 7.42 22.02 5.92
N GLN A 845 8.49 21.78 5.17
CA GLN A 845 9.20 22.88 4.54
C GLN A 845 9.97 22.36 3.33
N GLY A 846 10.03 23.17 2.28
CA GLY A 846 10.78 22.84 1.09
C GLY A 846 11.16 24.11 0.36
N ARG A 847 11.87 23.93 -0.74
CA ARG A 847 12.43 25.05 -1.48
C ARG A 847 12.51 24.69 -2.96
N ILE A 848 12.57 25.73 -3.79
CA ILE A 848 12.73 25.57 -5.23
C ILE A 848 13.93 26.44 -5.64
N VAL A 849 14.91 25.81 -6.29
CA VAL A 849 16.17 26.46 -6.62
C VAL A 849 16.32 26.48 -8.13
N VAL A 850 16.60 27.67 -8.67
CA VAL A 850 16.85 27.87 -10.09
C VAL A 850 18.34 28.12 -10.26
N PHE A 851 19.01 27.18 -10.94
CA PHE A 851 20.41 27.25 -11.27
C PHE A 851 20.60 27.73 -12.71
N GLN A 852 21.73 28.40 -12.95
CA GLN A 852 22.16 28.76 -14.29
C GLN A 852 23.56 28.18 -14.51
N TYR A 853 23.72 27.41 -15.59
CA TYR A 853 25.00 26.77 -15.90
C TYR A 853 25.67 27.51 -17.06
N SER A 854 26.70 28.29 -16.75
CA SER A 854 27.47 28.99 -17.76
C SER A 854 28.85 29.31 -17.19
N ASP A 855 29.80 29.54 -18.09
CA ASP A 855 31.18 29.82 -17.71
C ASP A 855 31.77 28.67 -16.90
N GLY A 856 31.43 27.44 -17.29
CA GLY A 856 31.99 26.28 -16.64
C GLY A 856 31.74 26.22 -15.14
N LYS A 857 30.75 26.96 -14.65
CA LYS A 857 30.42 26.96 -13.24
C LYS A 857 28.92 26.92 -13.08
N LEU A 858 28.46 26.36 -11.95
CA LEU A 858 27.04 26.19 -11.68
C LEU A 858 26.59 27.30 -10.74
N GLN A 859 26.36 28.48 -11.32
CA GLN A 859 25.83 29.59 -10.54
C GLN A 859 24.37 29.34 -10.17
N THR A 860 24.03 29.61 -8.91
CA THR A 860 22.65 29.58 -8.46
C THR A 860 22.07 30.97 -8.63
N VAL A 861 20.96 31.08 -9.36
CA VAL A 861 20.43 32.39 -9.73
C VAL A 861 19.22 32.76 -8.88
N ALA A 862 18.45 31.77 -8.44
CA ALA A 862 17.29 32.11 -7.63
C ALA A 862 16.94 30.98 -6.68
N GLU A 863 16.28 31.34 -5.59
CA GLU A 863 15.79 30.36 -4.63
C GLU A 863 14.54 30.93 -3.98
N LYS A 864 13.50 30.11 -3.84
CA LYS A 864 12.27 30.54 -3.19
C LYS A 864 11.72 29.38 -2.40
N GLU A 865 11.36 29.63 -1.14
CA GLU A 865 10.95 28.57 -0.23
C GLU A 865 9.44 28.41 -0.22
N VAL A 866 8.99 27.17 -0.34
CA VAL A 866 7.58 26.82 -0.26
C VAL A 866 7.37 26.01 1.01
N LYS A 867 6.15 26.07 1.54
CA LYS A 867 5.85 25.45 2.83
C LYS A 867 5.31 24.02 2.61
N GLY A 868 6.15 23.20 1.99
CA GLY A 868 5.80 21.82 1.72
C GLY A 868 6.88 21.15 0.91
N ALA A 869 6.57 19.95 0.46
CA ALA A 869 7.48 19.19 -0.39
C ALA A 869 7.12 19.37 -1.86
N VAL A 870 8.16 19.46 -2.70
CA VAL A 870 8.00 19.61 -4.15
C VAL A 870 8.30 18.26 -4.77
N TYR A 871 7.29 17.62 -5.32
CA TYR A 871 7.43 16.24 -5.79
C TYR A 871 7.77 16.15 -7.28
N SER A 872 6.90 16.70 -8.13
CA SER A 872 7.15 16.70 -9.56
C SER A 872 6.94 18.10 -10.12
N MET A 873 7.68 18.42 -11.17
CA MET A 873 7.66 19.74 -11.78
C MET A 873 7.72 19.60 -13.29
N VAL A 874 7.11 20.55 -13.98
CA VAL A 874 7.21 20.65 -15.44
C VAL A 874 7.04 22.11 -15.83
N GLU A 875 7.48 22.45 -17.04
CA GLU A 875 7.21 23.75 -17.62
C GLU A 875 5.93 23.70 -18.42
N PHE A 876 5.29 24.87 -18.58
CA PHE A 876 3.94 24.90 -19.12
C PHE A 876 3.71 26.26 -19.77
N ASN A 877 3.77 26.31 -21.09
CA ASN A 877 3.41 27.51 -21.84
C ASN A 877 4.25 28.70 -21.39
N GLY A 878 5.51 28.44 -21.04
CA GLY A 878 6.37 29.49 -20.55
C GLY A 878 6.21 29.80 -19.08
N LYS A 879 5.69 28.86 -18.30
CA LYS A 879 5.55 29.02 -16.86
C LYS A 879 5.91 27.70 -16.19
N LEU A 880 6.26 27.80 -14.91
CA LEU A 880 6.84 26.68 -14.17
C LEU A 880 5.82 26.16 -13.16
N LEU A 881 5.35 24.94 -13.35
CA LEU A 881 4.41 24.36 -12.40
C LEU A 881 5.14 23.66 -11.28
N ALA A 882 4.41 23.38 -10.20
CA ALA A 882 4.98 22.65 -9.09
C ALA A 882 3.87 21.98 -8.31
N SER A 883 4.23 20.91 -7.63
CA SER A 883 3.36 20.20 -6.70
C SER A 883 3.92 20.42 -5.29
N ILE A 884 3.51 21.52 -4.67
CA ILE A 884 3.90 21.83 -3.30
C ILE A 884 2.86 21.16 -2.40
N ASN A 885 3.20 20.00 -1.86
CA ASN A 885 2.27 19.23 -1.02
C ASN A 885 1.09 18.85 -1.91
N SER A 886 -0.14 18.99 -1.43
CA SER A 886 -1.31 18.77 -2.28
C SER A 886 -1.58 19.94 -3.22
N THR A 887 -1.04 21.11 -2.95
CA THR A 887 -1.26 22.27 -3.79
C THR A 887 -0.51 22.13 -5.10
N VAL A 888 -1.18 22.49 -6.20
CA VAL A 888 -0.55 22.59 -7.51
C VAL A 888 -0.48 24.06 -7.87
N ARG A 889 0.71 24.55 -8.20
CA ARG A 889 0.95 25.98 -8.28
C ARG A 889 1.64 26.33 -9.59
N LEU A 890 1.34 27.54 -10.07
CA LEU A 890 1.90 28.10 -11.30
C LEU A 890 2.84 29.23 -10.93
N TYR A 891 4.01 29.26 -11.59
CA TYR A 891 5.02 30.27 -11.37
C TYR A 891 5.35 30.97 -12.67
N GLU A 892 5.34 32.29 -12.65
CA GLU A 892 5.84 33.10 -13.75
C GLU A 892 7.26 33.53 -13.45
N TRP A 893 8.06 33.62 -14.50
CA TRP A 893 9.48 33.96 -14.40
C TRP A 893 9.62 35.44 -14.77
N THR A 894 9.65 36.30 -13.76
CA THR A 894 9.67 37.73 -14.01
C THR A 894 11.00 38.12 -14.65
N THR A 895 11.14 39.41 -14.94
CA THR A 895 12.40 39.93 -15.45
C THR A 895 13.51 39.87 -14.42
N GLU A 896 13.16 39.84 -13.13
CA GLU A 896 14.14 39.82 -12.05
C GLU A 896 14.66 38.41 -11.77
N LYS A 897 14.45 37.48 -12.68
CA LYS A 897 14.93 36.11 -12.51
C LYS A 897 14.41 35.51 -11.21
N GLU A 898 13.16 35.85 -10.87
CA GLU A 898 12.54 35.44 -9.62
C GLU A 898 11.21 34.76 -9.90
N LEU A 899 11.00 33.61 -9.31
CA LEU A 899 9.71 32.93 -9.40
C LEU A 899 8.64 33.77 -8.71
N ARG A 900 7.48 33.89 -9.34
CA ARG A 900 6.36 34.61 -8.74
C ARG A 900 5.11 33.77 -8.93
N THR A 901 4.18 33.85 -7.98
CA THR A 901 3.02 32.97 -7.97
C THR A 901 1.85 33.63 -8.68
N GLU A 902 1.23 32.89 -9.61
CA GLU A 902 0.17 33.43 -10.45
C GLU A 902 -1.22 32.93 -10.03
N CYS A 903 -1.42 31.61 -9.99
CA CYS A 903 -2.72 31.07 -9.64
C CYS A 903 -2.55 29.68 -9.03
N ASN A 904 -3.14 29.48 -7.86
CA ASN A 904 -3.01 28.24 -7.09
C ASN A 904 -4.11 27.26 -7.46
N HIS A 905 -3.98 26.04 -6.94
CA HIS A 905 -5.10 25.13 -6.91
C HIS A 905 -4.90 24.16 -5.75
N TYR A 906 -5.97 23.93 -4.99
CA TYR A 906 -5.93 23.09 -3.80
C TYR A 906 -6.62 21.78 -4.14
N ASN A 907 -5.96 20.67 -3.87
CA ASN A 907 -6.49 19.34 -4.15
C ASN A 907 -6.72 18.58 -2.86
N ASN A 908 -7.52 17.52 -2.98
CA ASN A 908 -7.72 16.58 -1.90
C ASN A 908 -6.78 15.39 -2.00
N ILE A 909 -5.88 15.40 -2.97
CA ILE A 909 -4.82 14.40 -3.10
C ILE A 909 -3.50 15.15 -3.27
N MET A 910 -2.41 14.45 -2.98
CA MET A 910 -1.09 15.02 -3.10
C MET A 910 -0.55 14.72 -4.49
N ALA A 911 -0.18 15.78 -5.22
CA ALA A 911 0.07 15.71 -6.65
C ALA A 911 1.48 15.17 -6.90
N LEU A 912 1.61 13.85 -6.82
CA LEU A 912 2.90 13.22 -7.09
C LEU A 912 3.29 13.38 -8.54
N TYR A 913 2.39 13.03 -9.46
CA TYR A 913 2.68 13.02 -10.88
C TYR A 913 2.00 14.19 -11.58
N LEU A 914 2.79 14.93 -12.35
CA LEU A 914 2.30 15.97 -13.25
C LEU A 914 2.66 15.60 -14.67
N LYS A 915 1.75 15.81 -15.61
CA LYS A 915 2.02 15.69 -17.04
C LYS A 915 1.19 16.71 -17.79
N THR A 916 1.84 17.64 -18.47
CA THR A 916 1.16 18.73 -19.16
C THR A 916 1.22 18.51 -20.66
N LYS A 917 0.08 18.64 -21.32
CA LYS A 917 0.01 18.62 -22.78
C LYS A 917 -0.90 19.76 -23.22
N GLY A 918 -0.37 20.65 -24.02
CA GLY A 918 -1.18 21.78 -24.47
C GLY A 918 -1.68 22.54 -23.27
N ASP A 919 -3.00 22.63 -23.15
CA ASP A 919 -3.65 23.36 -22.08
C ASP A 919 -4.06 22.47 -20.91
N PHE A 920 -3.85 21.17 -21.00
CA PHE A 920 -4.34 20.22 -20.01
C PHE A 920 -3.21 19.76 -19.10
N ILE A 921 -3.53 19.62 -17.81
CA ILE A 921 -2.64 19.05 -16.81
C ILE A 921 -3.25 17.74 -16.33
N LEU A 922 -2.41 16.73 -16.15
CA LEU A 922 -2.80 15.47 -15.55
C LEU A 922 -2.07 15.35 -14.23
N VAL A 923 -2.83 15.17 -13.14
CA VAL A 923 -2.30 15.13 -11.78
C VAL A 923 -2.69 13.80 -11.16
N GLY A 924 -1.73 13.17 -10.48
CA GLY A 924 -1.98 11.87 -9.89
C GLY A 924 -1.23 11.64 -8.60
N ASP A 925 -1.75 10.75 -7.78
CA ASP A 925 -1.13 10.29 -6.54
C ASP A 925 -0.99 8.78 -6.57
N LEU A 926 -0.46 8.21 -5.48
CA LEU A 926 -0.25 6.77 -5.44
C LEU A 926 -1.55 5.97 -5.46
N MET A 927 -2.66 6.55 -5.02
CA MET A 927 -3.91 5.82 -4.86
C MET A 927 -4.77 5.85 -6.12
N ARG A 928 -4.16 5.97 -7.29
CA ARG A 928 -4.86 5.89 -8.56
C ARG A 928 -5.68 7.15 -8.83
N SER A 929 -5.69 8.09 -7.88
CA SER A 929 -6.44 9.32 -8.09
C SER A 929 -5.90 10.05 -9.33
N VAL A 930 -6.74 10.20 -10.35
CA VAL A 930 -6.37 10.87 -11.59
C VAL A 930 -7.28 12.07 -11.76
N LEU A 931 -6.67 13.26 -11.83
CA LEU A 931 -7.39 14.49 -12.12
C LEU A 931 -6.86 15.07 -13.42
N LEU A 932 -7.75 15.70 -14.16
CA LEU A 932 -7.42 16.32 -15.44
C LEU A 932 -7.81 17.79 -15.33
N LEU A 933 -6.89 18.60 -14.85
CA LEU A 933 -7.13 20.03 -14.74
C LEU A 933 -6.89 20.69 -16.08
N ALA A 934 -7.41 21.91 -16.22
CA ALA A 934 -7.29 22.66 -17.46
C ALA A 934 -6.93 24.10 -17.14
N TYR A 935 -6.32 24.75 -18.12
CA TYR A 935 -5.88 26.13 -17.98
C TYR A 935 -6.81 27.04 -18.75
N LYS A 936 -7.27 28.11 -18.10
CA LYS A 936 -8.16 29.10 -18.72
C LYS A 936 -7.44 30.43 -18.71
N PRO A 937 -6.66 30.73 -19.75
CA PRO A 937 -5.92 32.00 -19.77
C PRO A 937 -6.81 33.23 -19.71
N MET A 938 -8.07 33.12 -20.14
CA MET A 938 -8.94 34.29 -20.12
C MET A 938 -9.11 34.82 -18.71
N GLU A 939 -9.37 33.94 -17.74
CA GLU A 939 -9.49 34.34 -16.34
C GLU A 939 -8.19 34.21 -15.58
N GLY A 940 -7.39 33.18 -15.86
CA GLY A 940 -6.12 32.98 -15.21
C GLY A 940 -6.10 31.87 -14.16
N ASN A 941 -7.19 31.13 -13.99
CA ASN A 941 -7.26 30.06 -13.03
C ASN A 941 -7.31 28.71 -13.74
N PHE A 942 -7.08 27.65 -12.97
CA PHE A 942 -7.26 26.29 -13.44
C PHE A 942 -8.65 25.81 -13.03
N GLU A 943 -9.33 25.14 -13.94
CA GLU A 943 -10.65 24.56 -13.70
C GLU A 943 -10.61 23.08 -14.01
N GLU A 944 -11.19 22.28 -13.12
CA GLU A 944 -11.17 20.84 -13.30
C GLU A 944 -12.00 20.47 -14.51
N ILE A 945 -11.66 19.33 -15.13
CA ILE A 945 -12.41 18.79 -16.26
C ILE A 945 -12.91 17.38 -15.97
N ALA A 946 -12.02 16.48 -15.56
CA ALA A 946 -12.40 15.10 -15.37
C ALA A 946 -11.65 14.51 -14.19
N ARG A 947 -12.25 13.47 -13.59
CA ARG A 947 -11.79 12.93 -12.32
C ARG A 947 -11.96 11.43 -12.31
N ASP A 948 -11.14 10.74 -11.52
CA ASP A 948 -11.26 9.29 -11.40
C ASP A 948 -10.58 8.84 -10.12
N PHE A 949 -11.35 8.20 -9.22
CA PHE A 949 -10.81 7.57 -8.02
C PHE A 949 -11.17 6.09 -8.03
N ASN A 950 -10.16 5.26 -7.84
CA ASN A 950 -10.34 3.82 -7.72
C ASN A 950 -9.15 3.27 -6.94
N PRO A 951 -9.30 3.06 -5.64
CA PRO A 951 -8.13 2.72 -4.82
C PRO A 951 -7.27 1.60 -5.39
N ASN A 952 -6.03 1.96 -5.73
CA ASN A 952 -5.03 1.02 -6.20
C ASN A 952 -3.73 1.80 -6.33
N TRP A 953 -2.62 1.07 -6.40
CA TRP A 953 -1.29 1.68 -6.40
C TRP A 953 -0.90 2.04 -7.83
N MET A 954 -0.60 3.31 -8.07
CA MET A 954 -0.20 3.79 -9.38
C MET A 954 1.25 4.25 -9.32
N SER A 955 2.08 3.70 -10.20
CA SER A 955 3.51 3.97 -10.22
C SER A 955 3.87 5.12 -11.16
N ALA A 956 3.36 5.12 -12.39
CA ALA A 956 3.65 6.16 -13.35
C ALA A 956 2.43 6.40 -14.23
N VAL A 957 2.22 7.66 -14.62
CA VAL A 957 1.06 8.06 -15.40
C VAL A 957 1.50 9.01 -16.49
N GLU A 958 1.03 8.77 -17.72
CA GLU A 958 1.50 9.50 -18.89
C GLU A 958 0.31 9.92 -19.75
N ILE A 959 0.53 10.97 -20.54
CA ILE A 959 -0.46 11.50 -21.46
C ILE A 959 -0.09 11.02 -22.86
N LEU A 960 -1.00 10.31 -23.51
CA LEU A 960 -0.75 9.80 -24.86
C LEU A 960 -1.20 10.78 -25.94
N ASP A 961 -2.49 11.08 -25.96
CA ASP A 961 -3.03 12.05 -26.92
C ASP A 961 -3.84 13.09 -26.18
N ASP A 962 -4.57 13.94 -26.91
CA ASP A 962 -5.33 15.00 -26.27
C ASP A 962 -6.40 14.45 -25.33
N ASP A 963 -6.76 13.18 -25.46
CA ASP A 963 -7.86 12.61 -24.69
C ASP A 963 -7.42 11.45 -23.80
N ASN A 964 -6.71 10.47 -24.34
CA ASN A 964 -6.37 9.27 -23.59
C ASN A 964 -5.26 9.57 -22.58
N PHE A 965 -5.23 8.76 -21.51
CA PHE A 965 -4.20 8.85 -20.48
C PHE A 965 -3.80 7.46 -20.06
N LEU A 966 -2.52 7.14 -20.16
CA LEU A 966 -2.00 5.81 -19.89
C LEU A 966 -1.24 5.81 -18.57
N GLY A 967 -1.47 4.78 -17.76
CA GLY A 967 -0.80 4.67 -16.48
C GLY A 967 -0.49 3.23 -16.15
N ALA A 968 0.42 3.05 -15.20
CA ALA A 968 0.78 1.74 -14.68
C ALA A 968 0.35 1.66 -13.23
N GLU A 969 -0.37 0.61 -12.88
CA GLU A 969 -0.91 0.47 -11.54
C GLU A 969 -0.62 -0.91 -10.98
N ASN A 970 -1.15 -1.16 -9.79
CA ASN A 970 -0.73 -2.25 -8.91
C ASN A 970 -0.75 -3.59 -9.62
N ALA A 971 -0.03 -4.56 -9.07
CA ALA A 971 0.06 -5.90 -9.63
C ALA A 971 0.63 -5.86 -11.04
N PHE A 972 1.48 -4.87 -11.33
CA PHE A 972 2.17 -4.80 -12.61
C PHE A 972 1.17 -4.75 -13.77
N ASN A 973 0.36 -3.71 -13.79
CA ASN A 973 -0.73 -3.58 -14.73
C ASN A 973 -0.62 -2.25 -15.48
N LEU A 974 -1.20 -2.21 -16.67
CA LEU A 974 -1.31 -1.00 -17.46
C LEU A 974 -2.79 -0.72 -17.68
N PHE A 975 -3.19 0.53 -17.48
CA PHE A 975 -4.56 0.95 -17.68
C PHE A 975 -4.59 2.18 -18.56
N VAL A 976 -5.62 2.30 -19.39
CA VAL A 976 -5.84 3.48 -20.21
C VAL A 976 -7.19 4.07 -19.86
N CYS A 977 -7.20 5.33 -19.45
CA CYS A 977 -8.40 6.07 -19.16
C CYS A 977 -8.69 7.03 -20.30
N GLN A 978 -9.88 6.93 -20.87
CA GLN A 978 -10.33 7.81 -21.94
C GLN A 978 -11.46 8.68 -21.41
N LYS A 979 -11.47 9.94 -21.81
CA LYS A 979 -12.53 10.85 -21.42
C LYS A 979 -13.55 10.94 -22.55
N ASP A 980 -14.83 10.81 -22.20
CA ASP A 980 -15.90 10.77 -23.19
C ASP A 980 -16.21 12.19 -23.65
N SER A 981 -15.76 12.53 -24.86
CA SER A 981 -16.08 13.84 -25.43
C SER A 981 -17.52 13.87 -25.94
N ALA A 982 -18.03 12.72 -26.38
CA ALA A 982 -19.39 12.65 -26.89
C ALA A 982 -20.45 12.74 -25.81
N ALA A 983 -20.07 12.57 -24.54
CA ALA A 983 -21.05 12.65 -23.46
C ALA A 983 -21.66 14.03 -23.39
N THR A 984 -22.98 14.08 -23.24
CA THR A 984 -23.71 15.34 -23.12
C THR A 984 -24.11 15.65 -21.68
N THR A 985 -24.10 14.67 -20.79
CA THR A 985 -24.46 14.86 -19.39
C THR A 985 -23.21 15.11 -18.57
N ASP A 986 -23.35 15.96 -17.54
CA ASP A 986 -22.22 16.27 -16.69
C ASP A 986 -21.73 15.03 -15.95
N GLU A 987 -22.65 14.16 -15.51
CA GLU A 987 -22.26 12.96 -14.80
C GLU A 987 -21.37 12.06 -15.64
N GLU A 988 -21.40 12.22 -16.97
CA GLU A 988 -20.50 11.51 -17.85
C GLU A 988 -19.34 12.36 -18.35
N ARG A 989 -19.48 13.68 -18.33
CA ARG A 989 -18.40 14.56 -18.74
C ARG A 989 -17.32 14.68 -17.68
N GLN A 990 -17.67 14.47 -16.41
CA GLN A 990 -16.74 14.63 -15.30
C GLN A 990 -16.21 13.29 -14.80
N HIS A 991 -16.03 12.32 -15.70
CA HIS A 991 -15.57 10.99 -15.33
C HIS A 991 -14.80 10.37 -16.47
N LEU A 992 -13.83 9.53 -16.13
CA LEU A 992 -12.98 8.85 -17.11
C LEU A 992 -13.47 7.42 -17.27
N GLN A 993 -13.89 7.08 -18.49
CA GLN A 993 -14.34 5.72 -18.78
C GLN A 993 -13.12 4.86 -19.07
N GLU A 994 -12.77 3.99 -18.13
CA GLU A 994 -11.70 3.04 -18.38
C GLU A 994 -11.98 2.26 -19.65
N VAL A 995 -10.99 2.18 -20.54
CA VAL A 995 -11.16 1.59 -21.86
C VAL A 995 -10.37 0.30 -21.98
N GLY A 996 -9.12 0.28 -21.53
CA GLY A 996 -8.26 -0.86 -21.74
C GLY A 996 -7.41 -1.16 -20.53
N LEU A 997 -7.16 -2.45 -20.34
CA LEU A 997 -6.32 -2.95 -19.26
C LEU A 997 -5.39 -4.02 -19.83
N PHE A 998 -4.23 -4.17 -19.20
CA PHE A 998 -3.24 -5.11 -19.72
C PHE A 998 -2.26 -5.46 -18.62
N HIS A 999 -2.28 -6.71 -18.15
CA HIS A 999 -1.30 -7.14 -17.17
C HIS A 999 0.05 -7.24 -17.84
N LEU A 1000 0.98 -6.40 -17.43
CA LEU A 1000 2.25 -6.24 -18.12
C LEU A 1000 3.34 -7.16 -17.59
N GLY A 1001 3.29 -7.52 -16.32
CA GLY A 1001 4.35 -8.30 -15.71
C GLY A 1001 5.58 -7.50 -15.35
N GLU A 1002 5.46 -6.19 -15.26
CA GLU A 1002 6.60 -5.30 -15.06
C GLU A 1002 6.14 -4.07 -14.31
N PHE A 1003 6.94 -3.66 -13.32
CA PHE A 1003 6.61 -2.49 -12.52
C PHE A 1003 7.15 -1.28 -13.26
N VAL A 1004 6.31 -0.66 -14.09
CA VAL A 1004 6.73 0.50 -14.85
C VAL A 1004 7.01 1.65 -13.89
N ASN A 1005 8.13 2.31 -14.09
CA ASN A 1005 8.58 3.38 -13.21
C ASN A 1005 8.66 4.74 -13.88
N VAL A 1006 8.96 4.80 -15.17
CA VAL A 1006 9.08 6.09 -15.85
C VAL A 1006 8.44 6.01 -17.22
N PHE A 1007 7.72 7.06 -17.59
CA PHE A 1007 7.18 7.24 -18.93
C PHE A 1007 7.86 8.44 -19.59
N CYS A 1008 8.12 8.32 -20.89
CA CYS A 1008 8.76 9.42 -21.60
C CYS A 1008 8.41 9.32 -23.08
N HIS A 1009 8.16 10.47 -23.70
CA HIS A 1009 7.96 10.51 -25.14
C HIS A 1009 9.27 10.30 -25.86
N GLY A 1010 9.20 9.70 -27.04
CA GLY A 1010 10.36 9.55 -27.89
C GLY A 1010 10.32 8.25 -28.65
N SER A 1011 11.19 8.14 -29.64
CA SER A 1011 11.35 6.94 -30.42
C SER A 1011 12.83 6.74 -30.72
N LEU A 1012 13.22 5.48 -30.91
CA LEU A 1012 14.59 5.12 -31.20
C LEU A 1012 14.86 4.93 -32.69
N VAL A 1013 13.85 5.06 -33.54
CA VAL A 1013 13.95 4.76 -34.96
C VAL A 1013 13.81 6.04 -35.74
N MET A 1014 14.52 6.13 -36.88
CA MET A 1014 14.50 7.31 -37.72
C MET A 1014 13.06 7.80 -37.92
N GLN A 1015 12.90 9.12 -37.95
CA GLN A 1015 11.58 9.70 -38.19
C GLN A 1015 11.36 9.93 -39.68
N THR A 1022 1.22 5.92 -41.36
CA THR A 1022 1.70 4.66 -40.80
C THR A 1022 0.65 4.07 -39.86
N PRO A 1023 0.75 2.76 -39.58
CA PRO A 1023 -0.21 2.15 -38.64
C PRO A 1023 -0.13 2.72 -37.24
N THR A 1024 0.98 3.35 -36.87
CA THR A 1024 1.21 3.80 -35.51
C THR A 1024 1.24 5.32 -35.44
N GLN A 1025 0.62 5.87 -34.41
CA GLN A 1025 0.64 7.31 -34.16
C GLN A 1025 1.14 7.55 -32.75
N GLY A 1026 2.00 8.56 -32.60
CA GLY A 1026 2.61 8.84 -31.31
C GLY A 1026 3.53 7.71 -30.87
N SER A 1027 4.18 7.92 -29.73
CA SER A 1027 5.04 6.90 -29.16
C SER A 1027 5.40 7.24 -27.73
N VAL A 1028 5.25 6.28 -26.82
CA VAL A 1028 5.55 6.48 -25.41
C VAL A 1028 6.43 5.32 -24.94
N LEU A 1029 7.69 5.61 -24.65
CA LEU A 1029 8.59 4.64 -24.05
C LEU A 1029 8.39 4.63 -22.55
N PHE A 1030 8.67 3.48 -21.93
CA PHE A 1030 8.59 3.36 -20.49
C PHE A 1030 9.71 2.47 -20.00
N GLY A 1031 10.23 2.83 -18.83
CA GLY A 1031 11.26 2.08 -18.15
C GLY A 1031 10.73 1.51 -16.85
N THR A 1032 11.15 0.27 -16.56
CA THR A 1032 10.68 -0.52 -15.44
C THR A 1032 11.84 -0.84 -14.51
N VAL A 1033 11.50 -1.52 -13.42
CA VAL A 1033 12.49 -1.88 -12.41
C VAL A 1033 13.37 -3.03 -12.90
N ASN A 1034 12.78 -4.07 -13.49
CA ASN A 1034 13.55 -5.24 -13.85
C ASN A 1034 14.53 -4.97 -14.98
N GLY A 1035 14.45 -3.82 -15.64
CA GLY A 1035 15.44 -3.43 -16.61
C GLY A 1035 15.01 -3.51 -18.06
N MET A 1036 13.71 -3.62 -18.34
CA MET A 1036 13.22 -3.69 -19.71
C MET A 1036 12.62 -2.35 -20.09
N ILE A 1037 12.85 -1.95 -21.34
CA ILE A 1037 12.21 -0.79 -21.93
C ILE A 1037 11.05 -1.28 -22.77
N GLY A 1038 9.96 -0.54 -22.75
CA GLY A 1038 8.78 -0.90 -23.53
C GLY A 1038 8.26 0.29 -24.31
N LEU A 1039 7.56 0.00 -25.40
CA LEU A 1039 7.04 1.03 -26.29
C LEU A 1039 5.53 0.83 -26.44
N VAL A 1040 4.77 1.89 -26.18
CA VAL A 1040 3.33 1.89 -26.33
C VAL A 1040 2.95 2.93 -27.36
N THR A 1041 2.21 2.49 -28.38
CA THR A 1041 1.76 3.36 -29.46
C THR A 1041 0.27 3.15 -29.67
N SER A 1042 -0.27 3.80 -30.70
CA SER A 1042 -1.70 3.79 -30.98
C SER A 1042 -1.96 3.13 -32.32
N LEU A 1043 -2.90 2.19 -32.35
CA LEU A 1043 -3.33 1.54 -33.58
C LEU A 1043 -4.70 2.05 -33.99
N SER A 1044 -4.97 2.00 -35.29
CA SER A 1044 -6.25 2.46 -35.81
C SER A 1044 -7.32 1.38 -35.63
N GLU A 1045 -8.57 1.80 -35.81
CA GLU A 1045 -9.70 0.92 -35.53
C GLU A 1045 -9.63 -0.37 -36.34
N SER A 1046 -9.51 -0.24 -37.67
CA SER A 1046 -9.44 -1.42 -38.51
C SER A 1046 -8.19 -2.23 -38.21
N TRP A 1047 -7.06 -1.56 -38.04
CA TRP A 1047 -5.83 -2.26 -37.69
C TRP A 1047 -5.98 -2.96 -36.35
N TYR A 1048 -6.61 -2.30 -35.38
CA TYR A 1048 -6.78 -2.92 -34.07
C TYR A 1048 -7.60 -4.19 -34.18
N ASN A 1049 -8.72 -4.13 -34.90
CA ASN A 1049 -9.58 -5.31 -34.99
C ASN A 1049 -8.87 -6.44 -35.73
N LEU A 1050 -8.17 -6.11 -36.81
CA LEU A 1050 -7.41 -7.14 -37.53
C LEU A 1050 -6.37 -7.77 -36.63
N LEU A 1051 -5.66 -6.95 -35.86
CA LEU A 1051 -4.60 -7.46 -35.00
C LEU A 1051 -5.16 -8.26 -33.84
N LEU A 1052 -6.35 -7.92 -33.35
CA LEU A 1052 -6.95 -8.70 -32.28
C LEU A 1052 -7.41 -10.05 -32.79
N ASP A 1053 -7.99 -10.09 -33.99
CA ASP A 1053 -8.34 -11.38 -34.57
C ASP A 1053 -7.09 -12.21 -34.80
N MET A 1054 -6.01 -11.58 -35.26
CA MET A 1054 -4.74 -12.29 -35.39
C MET A 1054 -4.26 -12.80 -34.04
N GLN A 1055 -4.43 -12.00 -32.99
CA GLN A 1055 -4.01 -12.40 -31.66
C GLN A 1055 -4.75 -13.67 -31.23
N ASN A 1056 -6.06 -13.69 -31.43
CA ASN A 1056 -6.83 -14.87 -31.05
C ASN A 1056 -6.54 -16.04 -31.97
N ARG A 1057 -6.08 -15.79 -33.19
CA ARG A 1057 -5.77 -16.89 -34.10
C ARG A 1057 -4.38 -17.48 -33.82
N LEU A 1058 -3.47 -16.69 -33.28
CA LEU A 1058 -2.15 -17.19 -32.91
C LEU A 1058 -2.20 -18.00 -31.62
N ASN A 1059 -3.07 -17.62 -30.68
CA ASN A 1059 -3.16 -18.30 -29.41
C ASN A 1059 -3.71 -19.70 -29.52
N LYS A 1060 -3.98 -20.19 -30.73
CA LYS A 1060 -4.42 -21.56 -30.93
C LYS A 1060 -3.37 -22.44 -31.59
N VAL A 1061 -2.27 -21.87 -32.08
CA VAL A 1061 -1.21 -22.62 -32.73
C VAL A 1061 0.08 -22.57 -31.93
N ILE A 1062 0.36 -21.43 -31.28
CA ILE A 1062 1.58 -21.28 -30.50
C ILE A 1062 1.41 -22.05 -29.19
N LYS A 1063 2.27 -23.04 -28.98
CA LYS A 1063 2.26 -23.87 -27.77
C LYS A 1063 3.23 -23.25 -26.78
N SER A 1064 2.73 -22.32 -25.97
CA SER A 1064 3.59 -21.62 -25.01
C SER A 1064 4.13 -22.57 -23.97
N VAL A 1065 5.32 -22.25 -23.46
CA VAL A 1065 5.95 -23.08 -22.45
C VAL A 1065 5.13 -23.02 -21.16
N GLY A 1066 4.86 -24.18 -20.58
CA GLY A 1066 4.09 -24.28 -19.37
C GLY A 1066 2.59 -24.36 -19.56
N LYS A 1067 2.10 -24.36 -20.80
CA LYS A 1067 0.67 -24.42 -21.08
C LYS A 1067 -0.07 -23.33 -20.33
N ILE A 1068 0.54 -22.16 -20.26
CA ILE A 1068 -0.09 -20.99 -19.66
C ILE A 1068 -0.80 -20.23 -20.77
N GLU A 1069 -2.10 -20.02 -20.61
CA GLU A 1069 -2.89 -19.37 -21.64
C GLU A 1069 -2.57 -17.89 -21.71
N HIS A 1070 -2.53 -17.36 -22.94
CA HIS A 1070 -2.26 -15.94 -23.11
C HIS A 1070 -3.31 -15.09 -22.43
N SER A 1071 -4.58 -15.46 -22.54
CA SER A 1071 -5.65 -14.64 -21.99
C SER A 1071 -5.50 -14.48 -20.49
N PHE A 1072 -5.00 -15.52 -19.81
CA PHE A 1072 -4.85 -15.44 -18.36
C PHE A 1072 -3.67 -14.55 -17.97
N TRP A 1073 -2.55 -14.68 -18.67
CA TRP A 1073 -1.38 -13.90 -18.30
C TRP A 1073 -1.65 -12.41 -18.45
N ARG A 1074 -2.26 -12.02 -19.56
CA ARG A 1074 -2.54 -10.61 -19.82
C ARG A 1074 -3.82 -10.14 -19.18
N SER A 1075 -4.51 -11.00 -18.44
CA SER A 1075 -5.72 -10.60 -17.75
C SER A 1075 -5.38 -9.71 -16.57
N PHE A 1076 -5.89 -8.47 -16.60
CA PHE A 1076 -5.69 -7.55 -15.49
C PHE A 1076 -5.86 -8.27 -14.17
N HIS A 1077 -4.93 -8.06 -13.26
CA HIS A 1077 -4.85 -8.81 -12.01
C HIS A 1077 -4.65 -7.85 -10.86
N THR A 1078 -5.45 -7.99 -9.82
CA THR A 1078 -5.20 -7.39 -8.53
C THR A 1078 -5.56 -8.42 -7.47
N GLU A 1079 -5.14 -8.16 -6.23
CA GLU A 1079 -5.45 -9.09 -5.16
C GLU A 1079 -6.95 -9.18 -4.89
N ARG A 1080 -7.75 -8.26 -5.44
CA ARG A 1080 -9.18 -8.21 -5.21
C ARG A 1080 -10.01 -8.85 -6.32
N LYS A 1081 -9.60 -8.70 -7.58
CA LYS A 1081 -10.50 -8.97 -8.69
C LYS A 1081 -9.73 -8.93 -10.00
N THR A 1082 -10.32 -9.51 -11.04
CA THR A 1082 -9.68 -9.65 -12.34
C THR A 1082 -10.67 -9.37 -13.47
N GLU A 1083 -10.12 -8.91 -14.60
CA GLU A 1083 -10.84 -8.81 -15.86
C GLU A 1083 -9.99 -9.37 -16.99
N PRO A 1084 -10.62 -9.82 -18.08
CA PRO A 1084 -9.84 -10.12 -19.28
C PRO A 1084 -9.29 -8.85 -19.90
N ALA A 1085 -8.19 -9.01 -20.63
CA ALA A 1085 -7.53 -7.86 -21.24
C ALA A 1085 -8.44 -7.17 -22.22
N THR A 1086 -8.32 -5.85 -22.32
CA THR A 1086 -9.06 -5.08 -23.31
C THR A 1086 -8.25 -3.85 -23.69
N GLY A 1087 -8.39 -3.42 -24.94
CA GLY A 1087 -7.83 -2.17 -25.39
C GLY A 1087 -6.36 -2.20 -25.73
N PHE A 1088 -5.68 -3.33 -25.58
CA PHE A 1088 -4.27 -3.45 -25.88
C PHE A 1088 -4.02 -4.69 -26.71
N ILE A 1089 -2.99 -4.63 -27.55
CA ILE A 1089 -2.57 -5.75 -28.39
C ILE A 1089 -1.17 -6.15 -27.96
N ASP A 1090 -1.00 -7.41 -27.59
CA ASP A 1090 0.28 -7.90 -27.07
C ASP A 1090 1.28 -7.96 -28.21
N GLY A 1091 2.08 -6.90 -28.34
CA GLY A 1091 2.99 -6.81 -29.47
C GLY A 1091 3.92 -8.00 -29.59
N ASP A 1092 4.28 -8.61 -28.46
CA ASP A 1092 5.19 -9.75 -28.51
C ASP A 1092 4.57 -10.89 -29.31
N LEU A 1093 3.30 -11.20 -29.04
CA LEU A 1093 2.66 -12.32 -29.73
C LEU A 1093 2.55 -12.03 -31.22
N ILE A 1094 2.10 -10.84 -31.58
CA ILE A 1094 1.94 -10.51 -32.99
C ILE A 1094 3.28 -10.58 -33.71
N GLU A 1095 4.32 -10.01 -33.08
CA GLU A 1095 5.65 -10.06 -33.69
C GLU A 1095 6.19 -11.47 -33.75
N SER A 1096 5.68 -12.38 -32.91
CA SER A 1096 6.11 -13.76 -33.01
C SER A 1096 5.64 -14.42 -34.29
N PHE A 1097 4.75 -13.78 -35.04
CA PHE A 1097 4.26 -14.38 -36.27
C PHE A 1097 5.39 -14.61 -37.27
N LEU A 1098 6.33 -13.67 -37.35
CA LEU A 1098 7.39 -13.79 -38.35
C LEU A 1098 8.25 -15.03 -38.14
N ASP A 1099 8.36 -15.50 -36.89
CA ASP A 1099 9.24 -16.61 -36.57
C ASP A 1099 8.57 -17.98 -36.70
N ILE A 1100 7.25 -18.02 -36.90
CA ILE A 1100 6.58 -19.31 -36.99
C ILE A 1100 6.90 -19.98 -38.32
N SER A 1101 6.78 -21.30 -38.33
CA SER A 1101 7.03 -22.07 -39.55
C SER A 1101 5.96 -21.77 -40.60
N ARG A 1102 6.35 -21.88 -41.87
CA ARG A 1102 5.43 -21.57 -42.96
C ARG A 1102 4.13 -22.36 -42.87
N PRO A 1103 4.13 -23.68 -42.64
CA PRO A 1103 2.86 -24.39 -42.58
C PRO A 1103 1.91 -23.87 -41.51
N LYS A 1104 2.44 -23.38 -40.39
CA LYS A 1104 1.58 -22.88 -39.33
C LYS A 1104 0.80 -21.65 -39.79
N MET A 1105 1.45 -20.77 -40.54
CA MET A 1105 0.79 -19.54 -40.98
C MET A 1105 -0.49 -19.84 -41.74
N GLN A 1106 -0.48 -20.88 -42.57
CA GLN A 1106 -1.67 -21.20 -43.35
C GLN A 1106 -2.87 -21.45 -42.46
N GLU A 1107 -2.67 -22.19 -41.36
CA GLU A 1107 -3.76 -22.43 -40.43
C GLU A 1107 -4.06 -21.20 -39.60
N VAL A 1108 -3.07 -20.34 -39.38
CA VAL A 1108 -3.29 -19.19 -38.50
C VAL A 1108 -4.40 -18.30 -39.03
N VAL A 1109 -4.34 -17.93 -40.31
CA VAL A 1109 -5.27 -17.00 -40.90
C VAL A 1109 -5.87 -17.67 -42.13
N ALA A 1110 -7.01 -18.33 -41.96
CA ALA A 1110 -7.69 -19.02 -43.04
C ALA A 1110 -8.89 -18.28 -43.57
N ASN A 1111 -9.64 -17.57 -42.73
CA ASN A 1111 -10.83 -16.84 -43.15
C ASN A 1111 -10.76 -15.43 -42.60
N LEU A 1112 -9.99 -14.59 -43.27
CA LEU A 1112 -9.87 -13.19 -42.90
C LEU A 1112 -10.07 -12.23 -44.07
N GLN A 1113 -9.62 -12.61 -45.26
CA GLN A 1113 -9.57 -11.69 -46.40
C GLN A 1113 -8.93 -10.36 -45.97
N TYR A 1114 -7.68 -10.47 -45.53
CA TYR A 1114 -6.96 -9.35 -44.96
C TYR A 1114 -6.89 -8.16 -45.92
N ALA A 1126 -1.62 -14.38 -47.39
CA ALA A 1126 -0.72 -14.86 -46.34
C ALA A 1126 0.53 -13.98 -46.24
N ASP A 1127 0.93 -13.38 -47.37
CA ASP A 1127 2.07 -12.48 -47.35
C ASP A 1127 1.68 -11.09 -46.87
N ASP A 1128 0.43 -10.68 -47.06
CA ASP A 1128 -0.01 -9.38 -46.60
C ASP A 1128 0.17 -9.25 -45.09
N LEU A 1129 -0.10 -10.33 -44.37
CA LEU A 1129 0.08 -10.31 -42.92
C LEU A 1129 1.56 -10.20 -42.55
N ILE A 1130 2.43 -10.85 -43.34
CA ILE A 1130 3.86 -10.65 -43.14
C ILE A 1130 4.21 -9.19 -43.30
N LYS A 1131 3.62 -8.53 -44.29
CA LYS A 1131 3.84 -7.10 -44.46
C LYS A 1131 3.41 -6.34 -43.23
N VAL A 1132 2.23 -6.68 -42.69
CA VAL A 1132 1.74 -6.01 -41.49
C VAL A 1132 2.72 -6.15 -40.35
N VAL A 1133 3.14 -7.38 -40.06
CA VAL A 1133 3.97 -7.63 -38.89
C VAL A 1133 5.34 -6.99 -39.06
N GLU A 1134 5.91 -7.03 -40.27
CA GLU A 1134 7.20 -6.41 -40.48
C GLU A 1134 7.11 -4.89 -40.36
N GLU A 1135 6.05 -4.29 -40.90
CA GLU A 1135 5.90 -2.85 -40.77
C GLU A 1135 5.81 -2.46 -39.29
N LEU A 1136 5.06 -3.24 -38.50
CA LEU A 1136 5.03 -2.98 -37.06
C LEU A 1136 6.40 -3.15 -36.44
N THR A 1137 7.13 -4.20 -36.82
CA THR A 1137 8.46 -4.43 -36.27
C THR A 1137 9.41 -3.29 -36.57
N ARG A 1138 9.15 -2.52 -37.61
CA ARG A 1138 9.98 -1.38 -37.96
C ARG A 1138 9.75 -0.16 -37.07
N ILE A 1139 9.09 -0.31 -35.92
CA ILE A 1139 8.81 0.83 -35.05
C ILE A 1139 9.82 0.92 -33.93
N HIS A 1140 10.17 -0.21 -33.32
CA HIS A 1140 11.11 -0.22 -32.21
C HIS A 1140 12.50 -0.62 -32.68
N SER B 54 -15.83 0.07 31.74
CA SER B 54 -16.29 -0.77 30.65
C SER B 54 -17.77 -1.12 30.79
N LEU B 55 -18.47 -0.34 31.61
CA LEU B 55 -19.91 -0.49 31.77
C LEU B 55 -20.68 0.34 30.74
N PRO B 56 -20.33 1.61 30.54
CA PRO B 56 -21.15 2.48 29.68
C PRO B 56 -21.52 1.88 28.33
N THR B 57 -20.85 0.81 27.90
CA THR B 57 -21.13 0.20 26.61
C THR B 57 -22.12 -0.96 26.71
N SER B 58 -22.64 -1.23 27.91
CA SER B 58 -23.64 -2.29 28.08
C SER B 58 -25.06 -1.75 28.06
N HIS B 59 -25.23 -0.44 28.20
CA HIS B 59 -26.54 0.19 28.09
C HIS B 59 -27.56 -0.51 28.98
N THR B 60 -27.14 -0.83 30.20
CA THR B 60 -28.05 -1.54 31.10
C THR B 60 -29.33 -0.75 31.35
N TYR B 61 -29.28 0.57 31.14
CA TYR B 61 -30.45 1.41 31.38
C TYR B 61 -31.64 1.02 30.53
N LEU B 62 -31.42 0.29 29.45
CA LEU B 62 -32.50 -0.10 28.55
C LEU B 62 -33.57 -0.88 29.30
N GLU B 67 -32.83 -9.79 25.65
CA GLU B 67 -33.02 -10.74 24.56
C GLU B 67 -31.81 -10.76 23.67
N GLU B 68 -31.09 -11.89 23.70
CA GLU B 68 -29.87 -12.04 22.92
C GLU B 68 -30.20 -12.21 21.44
N PHE B 69 -29.31 -11.69 20.59
CA PHE B 69 -29.47 -11.79 19.15
C PHE B 69 -28.12 -11.90 18.46
N ASP B 76 -23.06 -8.95 0.15
CA ASP B 76 -21.94 -9.15 -0.76
C ASP B 76 -21.45 -7.82 -1.33
N ASP B 77 -20.40 -7.87 -2.13
CA ASP B 77 -19.80 -6.68 -2.70
C ASP B 77 -20.54 -6.27 -3.97
N ASP B 78 -20.91 -5.00 -4.06
CA ASP B 78 -21.56 -4.39 -5.21
C ASP B 78 -22.98 -4.90 -5.43
N SER B 79 -23.46 -5.83 -4.61
CA SER B 79 -24.81 -6.32 -4.79
C SER B 79 -25.83 -5.24 -4.46
N CYS B 80 -26.97 -5.30 -5.14
CA CYS B 80 -28.05 -4.33 -4.96
C CYS B 80 -29.19 -5.00 -4.21
N GLN B 81 -29.50 -4.48 -3.02
CA GLN B 81 -30.60 -4.99 -2.21
C GLN B 81 -31.53 -3.84 -1.86
N VAL B 82 -32.77 -4.19 -1.56
CA VAL B 82 -33.77 -3.24 -1.06
C VAL B 82 -33.97 -3.55 0.42
N ILE B 83 -33.84 -2.53 1.25
CA ILE B 83 -33.77 -2.73 2.69
C ILE B 83 -34.79 -1.83 3.38
N PRO B 84 -35.34 -2.24 4.52
CA PRO B 84 -36.21 -1.34 5.28
C PRO B 84 -35.44 -0.17 5.86
N VAL B 85 -36.19 0.81 6.36
CA VAL B 85 -35.63 2.00 6.99
C VAL B 85 -36.49 2.34 8.20
N LEU B 86 -35.85 2.69 9.30
CA LEU B 86 -36.62 3.17 10.45
C LEU B 86 -36.77 4.68 10.37
N PRO B 87 -37.98 5.23 10.52
CA PRO B 87 -38.23 6.58 10.00
C PRO B 87 -37.61 7.70 10.82
N GLN B 88 -37.68 7.63 12.14
CA GLN B 88 -37.34 8.77 12.98
C GLN B 88 -35.85 8.82 13.35
N VAL B 89 -35.04 7.90 12.85
CA VAL B 89 -33.61 7.88 13.13
C VAL B 89 -32.90 8.81 12.16
N MET B 90 -31.91 9.56 12.67
CA MET B 90 -31.19 10.54 11.87
C MET B 90 -29.68 10.49 12.08
N MET B 91 -29.16 9.47 12.74
CA MET B 91 -27.73 9.41 13.03
C MET B 91 -26.98 8.87 11.83
N ILE B 92 -25.81 9.45 11.58
CA ILE B 92 -24.93 8.99 10.49
C ILE B 92 -24.10 7.86 11.08
N LEU B 93 -24.69 6.66 11.11
CA LEU B 93 -24.02 5.53 11.71
C LEU B 93 -22.85 5.06 10.86
N ILE B 94 -21.73 4.79 11.51
CA ILE B 94 -20.51 4.32 10.86
C ILE B 94 -20.23 2.91 11.34
N PRO B 95 -19.83 1.98 10.48
CA PRO B 95 -19.76 0.58 10.91
C PRO B 95 -18.91 0.43 12.16
N GLY B 96 -19.38 -0.42 13.08
CA GLY B 96 -18.76 -0.60 14.36
C GLY B 96 -19.34 0.25 15.47
N GLN B 97 -19.91 1.41 15.14
CA GLN B 97 -20.63 2.20 16.13
C GLN B 97 -21.93 1.53 16.46
N THR B 98 -22.35 1.63 17.72
CA THR B 98 -23.55 0.97 18.19
C THR B 98 -24.66 2.00 18.36
N LEU B 99 -25.79 1.75 17.70
CA LEU B 99 -26.97 2.60 17.81
C LEU B 99 -28.03 1.89 18.61
N PRO B 100 -28.51 2.47 19.70
CA PRO B 100 -29.80 2.07 20.27
C PRO B 100 -30.93 2.92 19.71
N LEU B 101 -32.14 2.38 19.83
CA LEU B 101 -33.33 3.04 19.32
C LEU B 101 -34.51 2.68 20.20
N GLN B 102 -35.52 3.56 20.20
CA GLN B 102 -36.80 3.25 20.82
C GLN B 102 -37.91 3.55 19.82
N LEU B 103 -38.83 2.61 19.69
CA LEU B 103 -39.92 2.69 18.72
C LEU B 103 -41.24 2.49 19.42
N PHE B 104 -42.22 3.31 19.06
CA PHE B 104 -43.55 3.26 19.67
C PHE B 104 -44.67 3.01 18.66
N HIS B 105 -44.58 3.56 17.46
CA HIS B 105 -45.66 3.40 16.50
C HIS B 105 -45.77 1.94 16.06
N PRO B 106 -46.99 1.42 15.89
CA PRO B 106 -47.13 -0.03 15.69
C PRO B 106 -46.40 -0.54 14.47
N GLN B 107 -46.33 0.26 13.40
CA GLN B 107 -45.66 -0.21 12.19
C GLN B 107 -44.21 -0.56 12.48
N GLU B 108 -43.52 0.30 13.23
CA GLU B 108 -42.14 0.02 13.57
C GLU B 108 -42.03 -1.27 14.37
N VAL B 109 -42.95 -1.48 15.31
CA VAL B 109 -42.90 -2.69 16.14
C VAL B 109 -43.04 -3.93 15.27
N SER B 110 -44.02 -3.93 14.38
CA SER B 110 -44.23 -5.09 13.52
C SER B 110 -43.03 -5.33 12.62
N MET B 111 -42.49 -4.26 12.03
CA MET B 111 -41.32 -4.41 11.17
C MET B 111 -40.15 -4.97 11.95
N VAL B 112 -39.95 -4.51 13.18
CA VAL B 112 -38.84 -5.01 13.99
C VAL B 112 -39.04 -6.47 14.34
N ARG B 113 -40.28 -6.87 14.67
CA ARG B 113 -40.53 -8.26 14.99
C ARG B 113 -40.25 -9.15 13.79
N ASN B 114 -40.75 -8.75 12.61
CA ASN B 114 -40.47 -9.52 11.40
C ASN B 114 -38.97 -9.54 11.11
N LEU B 115 -38.28 -8.44 11.38
CA LEU B 115 -36.85 -8.39 11.15
C LEU B 115 -36.12 -9.36 12.06
N ILE B 116 -36.48 -9.38 13.33
CA ILE B 116 -35.88 -10.33 14.27
C ILE B 116 -36.15 -11.75 13.79
N GLN B 117 -37.34 -11.99 13.24
CA GLN B 117 -37.64 -13.31 12.71
C GLN B 117 -36.72 -13.67 11.55
N LYS B 118 -36.62 -12.79 10.55
CA LYS B 118 -35.96 -13.15 9.30
C LYS B 118 -34.45 -12.95 9.35
N ASP B 119 -34.00 -11.70 9.42
CA ASP B 119 -32.56 -11.42 9.40
C ASP B 119 -32.12 -10.33 10.35
N ARG B 120 -33.02 -9.65 11.04
CA ARG B 120 -32.66 -8.62 12.02
C ARG B 120 -31.69 -7.61 11.42
N THR B 121 -32.12 -6.96 10.34
CA THR B 121 -31.31 -5.94 9.68
C THR B 121 -32.18 -4.78 9.27
N PHE B 122 -31.60 -3.58 9.24
CA PHE B 122 -32.27 -2.45 8.65
C PHE B 122 -31.27 -1.35 8.36
N ALA B 123 -31.67 -0.44 7.47
CA ALA B 123 -30.82 0.63 6.99
C ALA B 123 -31.06 1.92 7.75
N VAL B 124 -30.03 2.75 7.82
CA VAL B 124 -30.12 4.08 8.41
C VAL B 124 -29.39 5.03 7.47
N LEU B 125 -30.10 6.02 6.95
CA LEU B 125 -29.58 6.80 5.84
C LEU B 125 -28.71 7.94 6.33
N ALA B 126 -27.59 8.14 5.64
CA ALA B 126 -26.65 9.22 5.97
C ALA B 126 -27.20 10.51 5.38
N TYR B 127 -28.22 11.05 6.05
CA TYR B 127 -28.92 12.21 5.53
C TYR B 127 -27.99 13.41 5.49
N SER B 128 -27.81 13.99 4.30
CA SER B 128 -27.25 15.33 4.23
C SER B 128 -28.18 16.35 4.86
N ASN B 129 -29.47 16.01 4.99
CA ASN B 129 -30.44 16.82 5.73
C ASN B 129 -31.44 15.86 6.33
N VAL B 130 -31.23 15.49 7.59
CA VAL B 130 -32.09 14.50 8.24
C VAL B 130 -33.53 14.98 8.28
N GLN B 131 -33.74 16.27 8.57
CA GLN B 131 -35.10 16.79 8.64
C GLN B 131 -35.80 16.68 7.29
N GLU B 132 -35.07 16.95 6.20
CA GLU B 132 -35.66 16.93 4.87
C GLU B 132 -35.63 15.55 4.22
N ARG B 133 -34.97 14.57 4.85
CA ARG B 133 -34.93 13.19 4.34
C ARG B 133 -34.43 13.15 2.90
N GLU B 134 -33.44 13.98 2.60
CA GLU B 134 -32.77 13.99 1.30
C GLU B 134 -31.38 13.41 1.50
N ALA B 135 -31.16 12.21 0.96
CA ALA B 135 -29.92 11.49 1.22
C ALA B 135 -29.51 10.72 -0.02
N GLN B 136 -28.22 10.39 -0.07
CA GLN B 136 -27.66 9.60 -1.15
C GLN B 136 -26.92 8.35 -0.70
N PHE B 137 -26.51 8.28 0.56
CA PHE B 137 -25.74 7.15 1.08
C PHE B 137 -26.20 6.84 2.49
N GLY B 138 -25.95 5.61 2.92
CA GLY B 138 -26.39 5.19 4.24
C GLY B 138 -25.59 4.01 4.74
N THR B 139 -25.94 3.56 5.94
CA THR B 139 -25.25 2.46 6.60
C THR B 139 -26.27 1.43 7.06
N THR B 140 -25.93 0.16 6.88
CA THR B 140 -26.80 -0.90 7.36
C THR B 140 -26.59 -1.10 8.85
N ALA B 141 -27.43 -1.96 9.44
CA ALA B 141 -27.30 -2.28 10.85
C ALA B 141 -27.92 -3.65 11.08
N GLU B 142 -27.25 -4.45 11.91
CA GLU B 142 -27.74 -5.74 12.34
C GLU B 142 -28.20 -5.64 13.78
N ILE B 143 -29.39 -6.17 14.05
CA ILE B 143 -30.00 -6.06 15.38
C ILE B 143 -29.45 -7.21 16.24
N TYR B 144 -28.50 -6.89 17.13
CA TYR B 144 -27.94 -7.90 18.01
C TYR B 144 -28.60 -7.92 19.38
N ALA B 145 -29.46 -6.96 19.69
CA ALA B 145 -30.28 -7.06 20.89
C ALA B 145 -31.57 -6.26 20.69
N TYR B 146 -32.66 -6.77 21.26
CA TYR B 146 -33.95 -6.08 21.16
C TYR B 146 -34.81 -6.49 22.33
N ARG B 147 -35.81 -5.66 22.62
CA ARG B 147 -36.73 -5.93 23.72
C ARG B 147 -38.03 -5.25 23.42
N GLU B 148 -39.11 -6.02 23.34
CA GLU B 148 -40.44 -5.51 23.03
C GLU B 148 -41.28 -5.57 24.30
N GLU B 149 -41.42 -4.42 24.96
CA GLU B 149 -42.34 -4.27 26.08
C GLU B 149 -43.50 -3.43 25.59
N GLN B 150 -44.72 -3.97 25.71
CA GLN B 150 -45.92 -3.32 25.23
C GLN B 150 -46.78 -2.78 26.36
N ASP B 151 -46.26 -2.77 27.58
CA ASP B 151 -47.05 -2.33 28.72
C ASP B 151 -47.61 -0.93 28.48
N PHE B 152 -48.61 -0.57 29.28
CA PHE B 152 -49.32 0.69 29.19
C PHE B 152 -50.24 0.77 27.99
N GLY B 153 -50.55 -0.36 27.36
CA GLY B 153 -51.43 -0.38 26.21
C GLY B 153 -50.82 0.05 24.90
N ILE B 154 -49.51 0.32 24.88
CA ILE B 154 -48.81 0.76 23.68
C ILE B 154 -47.61 -0.15 23.48
N GLU B 155 -47.42 -0.60 22.25
CA GLU B 155 -46.29 -1.47 21.91
C GLU B 155 -45.03 -0.62 21.81
N ILE B 156 -44.03 -0.95 22.63
CA ILE B 156 -42.75 -0.24 22.64
C ILE B 156 -41.65 -1.27 22.40
N VAL B 157 -40.73 -0.95 21.50
CA VAL B 157 -39.61 -1.82 21.17
C VAL B 157 -38.33 -1.01 21.27
N LYS B 158 -37.45 -1.40 22.19
CA LYS B 158 -36.14 -0.78 22.36
C LYS B 158 -35.08 -1.73 21.83
N VAL B 159 -34.19 -1.22 21.00
CA VAL B 159 -33.27 -2.02 20.23
C VAL B 159 -31.85 -1.53 20.45
N LYS B 160 -30.88 -2.44 20.38
CA LYS B 160 -29.46 -2.14 20.36
C LYS B 160 -28.85 -2.88 19.18
N ALA B 161 -28.49 -2.14 18.14
CA ALA B 161 -27.95 -2.70 16.91
C ALA B 161 -26.59 -2.07 16.63
N ILE B 162 -25.82 -2.71 15.76
CA ILE B 162 -24.47 -2.29 15.43
C ILE B 162 -24.39 -2.05 13.93
N GLY B 163 -23.87 -0.87 13.56
CA GLY B 163 -23.60 -0.61 12.15
C GLY B 163 -22.63 -1.63 11.60
N ARG B 164 -22.95 -2.23 10.47
CA ARG B 164 -22.14 -3.28 9.89
C ARG B 164 -21.59 -2.91 8.52
N GLN B 165 -22.45 -2.52 7.58
CA GLN B 165 -22.03 -2.25 6.21
C GLN B 165 -22.63 -0.95 5.73
N ARG B 166 -22.11 -0.45 4.61
CA ARG B 166 -22.51 0.82 4.03
C ARG B 166 -23.02 0.61 2.62
N PHE B 167 -23.74 1.61 2.11
CA PHE B 167 -24.37 1.49 0.81
C PHE B 167 -24.61 2.89 0.23
N LYS B 168 -24.84 2.91 -1.08
CA LYS B 168 -25.20 4.11 -1.82
C LYS B 168 -26.66 4.02 -2.25
N VAL B 169 -27.36 5.14 -2.17
CA VAL B 169 -28.80 5.17 -2.42
C VAL B 169 -29.06 5.15 -3.92
N LEU B 170 -29.86 4.19 -4.37
CA LEU B 170 -30.39 4.19 -5.73
C LEU B 170 -31.76 4.83 -5.78
N GLU B 171 -32.66 4.40 -4.89
CA GLU B 171 -33.99 5.00 -4.81
C GLU B 171 -34.56 4.70 -3.43
N LEU B 172 -35.60 5.46 -3.07
CA LEU B 172 -36.28 5.29 -1.79
C LEU B 172 -37.78 5.28 -2.05
N ARG B 173 -38.37 4.08 -2.11
CA ARG B 173 -39.80 3.94 -2.31
C ARG B 173 -40.52 4.12 -0.98
N THR B 174 -41.51 5.02 -0.97
CA THR B 174 -42.26 5.33 0.24
C THR B 174 -43.49 4.43 0.33
N GLN B 175 -43.72 3.91 1.53
CA GLN B 175 -44.85 3.02 1.76
C GLN B 175 -46.16 3.70 1.40
N ILE B 179 -43.90 2.87 6.48
CA ILE B 179 -42.46 2.64 6.47
C ILE B 179 -41.89 3.05 5.12
N GLN B 180 -40.71 2.53 4.80
CA GLN B 180 -40.07 2.79 3.52
C GLN B 180 -39.23 1.59 3.12
N GLN B 181 -38.92 1.51 1.83
CA GLN B 181 -37.99 0.52 1.30
C GLN B 181 -36.99 1.25 0.42
N ALA B 182 -35.72 1.20 0.79
CA ALA B 182 -34.66 1.87 0.05
C ALA B 182 -33.95 0.83 -0.80
N LYS B 183 -33.99 1.01 -2.12
CA LYS B 183 -33.21 0.20 -3.04
C LYS B 183 -31.81 0.82 -3.12
N VAL B 184 -30.82 0.13 -2.54
CA VAL B 184 -29.46 0.64 -2.43
C VAL B 184 -28.51 -0.53 -2.67
N GLN B 185 -27.27 -0.18 -3.00
CA GLN B 185 -26.23 -1.15 -3.31
C GLN B 185 -25.14 -1.11 -2.25
N ILE B 186 -24.63 -2.28 -1.88
CA ILE B 186 -23.59 -2.39 -0.86
C ILE B 186 -22.26 -1.99 -1.47
N LEU B 187 -21.63 -0.96 -0.91
CA LEU B 187 -20.30 -0.58 -1.36
C LEU B 187 -19.26 -1.52 -0.74
N PRO B 188 -18.33 -2.03 -1.54
CA PRO B 188 -17.33 -2.95 -1.00
C PRO B 188 -16.21 -2.21 -0.28
N GLU B 189 -15.50 -2.95 0.57
CA GLU B 189 -14.36 -2.44 1.31
C GLU B 189 -13.08 -2.93 0.64
N CYS B 190 -12.20 -1.99 0.29
CA CYS B 190 -10.99 -2.30 -0.44
C CYS B 190 -9.81 -2.35 0.51
N VAL B 191 -9.13 -3.50 0.55
CA VAL B 191 -7.91 -3.67 1.34
C VAL B 191 -6.75 -3.66 0.35
N LEU B 192 -5.99 -2.56 0.32
CA LEU B 192 -4.87 -2.45 -0.60
C LEU B 192 -3.65 -3.14 -0.02
N PRO B 193 -3.01 -4.06 -0.75
CA PRO B 193 -1.87 -4.78 -0.16
C PRO B 193 -0.70 -3.86 0.13
N SER B 194 0.37 -4.41 0.69
CA SER B 194 1.52 -3.60 1.08
C SER B 194 2.07 -2.82 -0.10
N THR B 195 2.36 -1.54 0.13
CA THR B 195 2.82 -0.69 -0.97
C THR B 195 4.13 -1.17 -1.56
N MET B 196 4.91 -1.93 -0.80
CA MET B 196 6.15 -2.51 -1.31
C MET B 196 5.93 -3.86 -1.98
N SER B 197 4.72 -4.42 -1.88
CA SER B 197 4.48 -5.73 -2.45
C SER B 197 4.52 -5.72 -3.98
N ALA B 198 4.54 -4.55 -4.60
CA ALA B 198 4.59 -4.44 -6.05
C ALA B 198 6.01 -4.33 -6.60
N VAL B 199 7.01 -4.22 -5.73
CA VAL B 199 8.41 -4.19 -6.19
C VAL B 199 9.27 -5.07 -5.30
N GLN B 200 8.66 -5.69 -4.30
CA GLN B 200 9.43 -6.30 -3.22
C GLN B 200 10.47 -7.28 -3.77
N LEU B 201 11.70 -7.14 -3.29
CA LEU B 201 12.76 -8.09 -3.64
C LEU B 201 12.57 -9.37 -2.86
N GLU B 202 12.68 -10.52 -3.55
CA GLU B 202 12.43 -11.79 -2.88
C GLU B 202 13.44 -12.03 -1.77
N SER B 203 14.71 -11.69 -2.00
CA SER B 203 15.75 -11.94 -1.00
C SER B 203 15.48 -11.17 0.29
N LEU B 204 15.13 -9.89 0.16
CA LEU B 204 14.94 -9.04 1.33
C LEU B 204 13.63 -9.32 2.06
N ASN B 205 12.74 -10.14 1.49
CA ASN B 205 11.44 -10.38 2.13
C ASN B 205 11.60 -10.90 3.54
N LYS B 206 12.69 -11.60 3.83
CA LYS B 206 12.89 -12.16 5.16
C LYS B 206 12.96 -11.08 6.23
N CYS B 207 13.27 -9.84 5.86
CA CYS B 207 13.32 -8.75 6.82
C CYS B 207 11.96 -8.14 7.13
N GLN B 208 10.91 -8.61 6.46
CA GLN B 208 9.58 -8.04 6.67
C GLN B 208 8.97 -8.43 8.00
N ILE B 209 9.53 -9.41 8.70
CA ILE B 209 9.04 -9.86 10.00
C ILE B 209 10.04 -9.40 11.06
N PHE B 210 9.52 -8.91 12.18
CA PHE B 210 10.35 -8.32 13.22
C PHE B 210 9.52 -8.08 14.48
N PRO B 211 10.09 -8.26 15.69
CA PRO B 211 9.32 -8.05 16.93
C PRO B 211 8.77 -6.65 17.07
N TYR B 223 11.46 7.20 18.83
CA TYR B 223 11.87 7.66 17.52
C TYR B 223 12.75 6.62 16.85
N LYS B 224 13.56 5.93 17.66
CA LYS B 224 14.50 4.96 17.11
C LYS B 224 13.77 3.82 16.41
N TRP B 225 12.73 3.28 17.04
CA TRP B 225 12.11 2.09 16.47
C TRP B 225 11.43 2.38 15.15
N TRP B 226 10.78 3.53 15.02
CA TRP B 226 10.11 3.82 13.75
C TRP B 226 11.12 4.16 12.66
N GLN B 227 12.27 4.73 13.03
CA GLN B 227 13.34 4.87 12.06
C GLN B 227 13.79 3.51 11.55
N LYS B 228 13.97 2.56 12.47
CA LYS B 228 14.29 1.20 12.03
C LYS B 228 13.17 0.61 11.19
N TYR B 229 11.93 0.98 11.50
CA TYR B 229 10.78 0.46 10.76
C TYR B 229 10.81 0.92 9.31
N GLN B 230 11.05 2.21 9.08
CA GLN B 230 11.24 2.65 7.70
C GLN B 230 12.43 1.94 7.06
N LYS B 231 13.56 1.93 7.75
CA LYS B 231 14.76 1.35 7.15
C LYS B 231 14.57 -0.12 6.77
N ARG B 232 13.66 -0.82 7.45
CA ARG B 232 13.45 -2.24 7.21
C ARG B 232 12.33 -2.49 6.21
N LYS B 233 11.12 -2.00 6.50
CA LYS B 233 9.99 -2.29 5.64
C LYS B 233 10.18 -1.70 4.26
N PHE B 234 10.70 -0.48 4.18
CA PHE B 234 10.83 0.24 2.92
C PHE B 234 12.25 0.21 2.37
N HIS B 235 12.95 -0.91 2.54
CA HIS B 235 14.24 -1.08 1.87
C HIS B 235 14.04 -1.61 0.45
N CYS B 236 13.11 -0.97 -0.25
CA CYS B 236 12.99 -1.11 -1.69
C CYS B 236 12.61 0.21 -2.35
N ALA B 237 12.53 1.31 -1.60
CA ALA B 237 12.20 2.59 -2.19
C ALA B 237 13.30 3.09 -3.12
N ASN B 238 14.50 2.50 -3.04
CA ASN B 238 15.54 2.83 -4.01
C ASN B 238 15.24 2.22 -5.38
N LEU B 239 14.64 1.03 -5.41
CA LEU B 239 14.25 0.43 -6.68
C LEU B 239 13.16 1.23 -7.39
N THR B 240 12.40 2.03 -6.67
CA THR B 240 11.35 2.86 -7.25
C THR B 240 11.80 4.31 -7.27
N SER B 241 10.90 5.18 -7.69
CA SER B 241 11.25 6.56 -7.99
C SER B 241 11.04 7.52 -6.82
N TRP B 242 10.61 7.03 -5.67
CA TRP B 242 10.24 7.89 -4.56
C TRP B 242 10.95 7.45 -3.28
N PRO B 243 11.15 8.38 -2.35
CA PRO B 243 11.86 8.03 -1.12
C PRO B 243 11.06 7.15 -0.16
N ARG B 244 11.72 6.68 0.88
CA ARG B 244 11.05 5.89 1.90
C ARG B 244 10.11 6.74 2.74
N TRP B 245 10.45 8.02 2.96
CA TRP B 245 9.59 8.86 3.78
C TRP B 245 8.32 9.25 3.06
N LEU B 246 8.24 9.06 1.74
CA LEU B 246 6.98 9.25 1.04
C LEU B 246 6.06 8.05 1.24
N TYR B 247 6.62 6.85 1.30
CA TYR B 247 5.82 5.66 1.49
C TYR B 247 5.43 5.42 2.94
N SER B 248 5.95 6.21 3.88
CA SER B 248 5.44 6.15 5.24
C SER B 248 4.08 6.80 5.37
N LEU B 249 3.74 7.73 4.48
CA LEU B 249 2.43 8.36 4.50
C LEU B 249 1.34 7.45 3.95
N TYR B 250 1.69 6.33 3.33
CA TYR B 250 0.73 5.41 2.77
C TYR B 250 0.90 4.01 3.36
N ASP B 251 1.41 3.92 4.58
CA ASP B 251 1.52 2.67 5.29
C ASP B 251 0.51 2.65 6.41
N ALA B 252 -0.26 1.56 6.51
CA ALA B 252 -1.36 1.51 7.46
C ALA B 252 -0.87 1.68 8.89
N GLU B 253 0.18 0.94 9.25
CA GLU B 253 0.63 0.94 10.64
C GLU B 253 1.15 2.31 11.06
N THR B 254 1.94 2.96 10.21
CA THR B 254 2.49 4.25 10.58
C THR B 254 1.39 5.27 10.80
N LEU B 255 0.42 5.31 9.88
CA LEU B 255 -0.69 6.23 10.03
C LEU B 255 -1.48 5.92 11.29
N MET B 256 -1.68 4.64 11.58
CA MET B 256 -2.43 4.27 12.77
C MET B 256 -1.71 4.75 14.02
N ASP B 257 -0.38 4.63 14.06
CA ASP B 257 0.35 5.07 15.24
C ASP B 257 0.32 6.59 15.36
N ARG B 258 0.34 7.30 14.25
CA ARG B 258 0.24 8.75 14.34
C ARG B 258 -1.13 9.15 14.87
N ILE B 259 -2.18 8.47 14.44
CA ILE B 259 -3.50 8.66 15.05
C ILE B 259 -3.43 8.43 16.55
N LYS B 260 -2.77 7.36 16.97
CA LYS B 260 -2.62 7.12 18.39
C LYS B 260 -1.99 8.33 19.07
N LYS B 261 -0.77 8.68 18.68
CA LYS B 261 -0.07 9.78 19.35
C LYS B 261 -0.94 11.03 19.42
N GLN B 262 -1.68 11.32 18.36
CA GLN B 262 -2.54 12.50 18.40
C GLN B 262 -3.71 12.30 19.36
N LEU B 263 -4.17 11.07 19.53
CA LEU B 263 -5.25 10.81 20.49
C LEU B 263 -4.75 10.98 21.92
N ARG B 264 -3.59 10.40 22.23
CA ARG B 264 -3.02 10.53 23.56
C ARG B 264 -2.59 11.96 23.86
N GLU B 265 -2.52 12.81 22.84
CA GLU B 265 -2.18 14.21 23.07
C GLU B 265 -3.31 14.96 23.74
N TRP B 266 -4.53 14.42 23.71
CA TRP B 266 -5.67 15.05 24.35
C TRP B 266 -6.17 14.30 25.58
N ASP B 267 -5.69 13.07 25.80
CA ASP B 267 -6.15 12.26 26.92
C ASP B 267 -5.04 11.32 27.34
N GLU B 268 -5.21 10.73 28.52
CA GLU B 268 -4.24 9.79 29.08
C GLU B 268 -4.72 8.34 29.03
N ASN B 269 -5.68 8.03 28.16
CA ASN B 269 -6.17 6.67 28.03
C ASN B 269 -5.28 5.90 27.07
N LEU B 270 -4.45 5.02 27.61
CA LEU B 270 -3.53 4.22 26.79
C LEU B 270 -4.30 3.49 25.70
N LEU B 275 -9.54 0.91 20.27
CA LEU B 275 -8.51 1.13 19.26
C LEU B 275 -7.94 -0.20 18.79
N PRO B 276 -8.69 -0.92 17.97
CA PRO B 276 -8.22 -2.23 17.49
C PRO B 276 -7.00 -2.11 16.59
N SER B 277 -6.48 -3.25 16.15
CA SER B 277 -5.30 -3.28 15.29
C SER B 277 -5.63 -3.27 13.81
N ASN B 278 -6.73 -3.90 13.39
CA ASN B 278 -7.07 -3.95 11.98
C ASN B 278 -7.32 -2.53 11.48
N PRO B 279 -6.70 -2.11 10.37
CA PRO B 279 -6.84 -0.71 9.96
C PRO B 279 -8.27 -0.29 9.71
N ILE B 280 -9.11 -1.16 9.15
CA ILE B 280 -10.47 -0.76 8.79
C ILE B 280 -11.26 -0.37 10.05
N ASP B 281 -11.25 -1.23 11.06
CA ASP B 281 -12.00 -0.96 12.27
C ASP B 281 -11.42 0.24 13.01
N PHE B 282 -10.09 0.34 13.05
CA PHE B 282 -9.46 1.47 13.70
C PHE B 282 -9.89 2.77 13.03
N SER B 283 -9.87 2.79 11.70
CA SER B 283 -10.22 4.01 10.97
C SER B 283 -11.68 4.37 11.22
N TYR B 284 -12.57 3.39 11.19
CA TYR B 284 -13.97 3.69 11.47
C TYR B 284 -14.12 4.27 12.86
N ARG B 285 -13.53 3.63 13.87
CA ARG B 285 -13.68 4.10 15.24
C ARG B 285 -13.17 5.53 15.39
N VAL B 286 -11.96 5.80 14.90
CA VAL B 286 -11.37 7.13 15.09
C VAL B 286 -12.20 8.16 14.33
N ALA B 287 -12.60 7.85 13.10
CA ALA B 287 -13.45 8.78 12.37
C ALA B 287 -14.74 9.03 13.11
N ALA B 288 -15.23 8.04 13.87
CA ALA B 288 -16.45 8.23 14.62
C ALA B 288 -16.25 9.16 15.81
N CYS B 289 -15.14 9.00 16.53
CA CYS B 289 -14.94 9.75 17.77
C CYS B 289 -14.63 11.21 17.53
N LEU B 290 -14.03 11.57 16.42
CA LEU B 290 -13.60 12.94 16.23
C LEU B 290 -14.81 13.88 16.26
N PRO B 291 -14.76 14.96 17.03
CA PRO B 291 -15.92 15.89 17.10
C PRO B 291 -16.06 16.76 15.85
N ILE B 292 -16.49 16.14 14.77
CA ILE B 292 -16.62 16.81 13.47
C ILE B 292 -18.09 16.91 13.09
N ASP B 293 -18.38 17.57 11.96
CA ASP B 293 -19.74 17.79 11.51
C ASP B 293 -20.21 16.64 10.65
N ASP B 294 -21.53 16.58 10.44
CA ASP B 294 -22.12 15.47 9.70
C ASP B 294 -21.61 15.42 8.26
N VAL B 295 -21.35 16.57 7.66
CA VAL B 295 -20.84 16.57 6.29
C VAL B 295 -19.56 15.77 6.20
N LEU B 296 -18.62 16.03 7.11
CA LEU B 296 -17.34 15.34 7.06
C LEU B 296 -17.49 13.87 7.37
N ARG B 297 -18.45 13.49 8.22
CA ARG B 297 -18.70 12.07 8.46
C ARG B 297 -19.20 11.39 7.20
N ILE B 298 -20.13 12.04 6.49
CA ILE B 298 -20.59 11.50 5.21
C ILE B 298 -19.40 11.36 4.27
N GLN B 299 -18.52 12.35 4.26
CA GLN B 299 -17.31 12.26 3.45
C GLN B 299 -16.48 11.04 3.82
N LEU B 300 -16.22 10.87 5.12
CA LEU B 300 -15.39 9.77 5.57
C LEU B 300 -16.02 8.42 5.27
N LEU B 301 -17.35 8.38 5.14
CA LEU B 301 -18.00 7.11 4.84
C LEU B 301 -17.87 6.75 3.37
N LYS B 302 -17.62 7.74 2.51
CA LYS B 302 -17.58 7.49 1.07
C LYS B 302 -16.42 6.57 0.71
N ILE B 303 -15.29 6.72 1.38
CA ILE B 303 -14.01 6.18 0.94
C ILE B 303 -13.94 4.72 1.35
N GLY B 304 -13.68 3.84 0.39
CA GLY B 304 -13.76 2.42 0.62
C GLY B 304 -12.43 1.74 0.89
N SER B 305 -11.34 2.49 0.79
CA SER B 305 -10.02 1.96 1.11
C SER B 305 -9.58 2.53 2.45
N ALA B 306 -9.08 1.65 3.32
CA ALA B 306 -8.73 2.09 4.68
C ALA B 306 -7.73 3.23 4.64
N ILE B 307 -6.64 3.04 3.88
CA ILE B 307 -5.51 3.95 3.97
C ILE B 307 -5.95 5.39 3.70
N GLN B 308 -6.81 5.58 2.72
CA GLN B 308 -7.26 6.94 2.41
C GLN B 308 -8.11 7.49 3.55
N ARG B 309 -8.93 6.66 4.18
CA ARG B 309 -9.72 7.14 5.31
C ARG B 309 -8.82 7.55 6.46
N LEU B 310 -7.77 6.76 6.73
CA LEU B 310 -6.83 7.12 7.78
C LEU B 310 -6.13 8.43 7.45
N ARG B 311 -5.72 8.62 6.20
CA ARG B 311 -5.08 9.87 5.83
C ARG B 311 -6.03 11.05 6.01
N CYS B 312 -7.29 10.88 5.61
CA CYS B 312 -8.27 11.94 5.80
C CYS B 312 -8.48 12.22 7.28
N GLU B 313 -8.41 11.18 8.11
CA GLU B 313 -8.51 11.37 9.55
C GLU B 313 -7.34 12.19 10.06
N LEU B 314 -6.12 11.84 9.64
CA LEU B 314 -4.96 12.64 10.00
C LEU B 314 -5.21 14.09 9.65
N ASP B 315 -5.72 14.35 8.45
CA ASP B 315 -6.00 15.71 8.04
C ASP B 315 -7.02 16.36 8.95
N ILE B 316 -8.05 15.62 9.35
CA ILE B 316 -9.13 16.19 10.15
C ILE B 316 -8.64 16.53 11.55
N MET B 317 -7.89 15.62 12.17
CA MET B 317 -7.47 15.82 13.55
C MET B 317 -6.67 17.10 13.69
N ASN B 318 -5.79 17.38 12.73
CA ASN B 318 -5.04 18.63 12.76
C ASN B 318 -5.97 19.84 12.79
N LYS B 319 -7.19 19.70 12.29
CA LYS B 319 -8.05 20.86 12.06
C LYS B 319 -8.88 21.21 13.29
N CYS B 320 -9.74 20.31 13.74
CA CYS B 320 -10.67 20.63 14.80
C CYS B 320 -9.94 20.96 16.08
N THR B 321 -10.31 22.07 16.71
CA THR B 321 -9.68 22.48 17.96
C THR B 321 -10.71 22.84 19.02
N SER B 322 -11.87 23.34 18.60
CA SER B 322 -12.88 23.83 19.52
C SER B 322 -14.26 23.40 19.06
N LEU B 323 -15.19 23.33 20.01
CA LEU B 323 -16.58 22.96 19.75
C LEU B 323 -17.48 24.08 20.25
N CYS B 324 -18.39 24.52 19.38
CA CYS B 324 -19.28 25.64 19.67
C CYS B 324 -20.74 25.16 19.69
N CYS B 325 -21.59 25.98 20.29
CA CYS B 325 -23.03 25.71 20.31
C CYS B 325 -23.65 26.15 18.99
N LYS B 326 -24.18 25.19 18.23
CA LYS B 326 -24.79 25.52 16.95
C LYS B 326 -25.83 26.61 17.10
N GLN B 327 -26.55 26.62 18.22
CA GLN B 327 -27.53 27.66 18.48
C GLN B 327 -26.90 28.97 18.96
N CYS B 328 -25.60 28.97 19.25
CA CYS B 328 -24.88 30.21 19.53
C CYS B 328 -24.17 30.74 18.29
N GLN B 329 -23.31 29.93 17.69
CA GLN B 329 -22.47 30.28 16.54
C GLN B 329 -21.42 31.32 16.88
N GLU B 330 -21.36 31.80 18.13
CA GLU B 330 -20.39 32.81 18.51
C GLU B 330 -19.65 32.40 19.79
N THR B 331 -20.30 31.57 20.61
CA THR B 331 -19.74 31.14 21.88
C THR B 331 -19.19 29.72 21.75
N GLU B 332 -17.90 29.56 22.01
CA GLU B 332 -17.30 28.24 22.08
C GLU B 332 -17.79 27.55 23.34
N ILE B 333 -17.99 26.24 23.24
CA ILE B 333 -18.53 25.45 24.34
C ILE B 333 -17.47 24.58 24.99
N THR B 334 -16.52 24.06 24.21
CA THR B 334 -15.50 23.21 24.79
C THR B 334 -14.25 23.21 23.91
N THR B 335 -13.16 22.73 24.49
CA THR B 335 -11.90 22.53 23.79
C THR B 335 -11.55 21.06 23.77
N LYS B 336 -10.75 20.66 22.79
CA LYS B 336 -10.39 19.26 22.63
C LYS B 336 -9.55 18.74 23.78
N ASN B 337 -9.15 19.61 24.72
CA ASN B 337 -8.27 19.18 25.79
C ASN B 337 -9.00 18.39 26.87
N GLU B 338 -10.33 18.47 26.92
CA GLU B 338 -11.09 17.77 27.95
C GLU B 338 -11.60 16.42 27.49
N ILE B 339 -11.45 16.07 26.22
CA ILE B 339 -11.97 14.80 25.72
C ILE B 339 -11.27 13.66 26.42
N PHE B 340 -12.06 12.75 26.99
CA PHE B 340 -11.49 11.59 27.67
C PHE B 340 -12.46 10.43 27.61
N SER B 341 -11.96 9.26 27.28
CA SER B 341 -12.79 8.09 27.01
C SER B 341 -13.30 7.54 28.32
N LEU B 342 -14.51 7.93 28.72
CA LEU B 342 -15.14 7.36 29.88
C LEU B 342 -15.83 6.03 29.58
N SER B 343 -16.02 5.73 28.31
CA SER B 343 -16.58 4.47 27.85
C SER B 343 -15.63 3.83 26.85
N LEU B 344 -15.65 2.50 26.79
CA LEU B 344 -14.79 1.81 25.84
C LEU B 344 -15.15 2.18 24.40
N CYS B 345 -16.35 2.70 24.16
CA CYS B 345 -16.74 3.08 22.81
C CYS B 345 -16.01 4.32 22.32
N GLY B 346 -15.27 5.00 23.19
CA GLY B 346 -14.58 6.20 22.82
C GLY B 346 -15.23 7.40 23.47
N PRO B 347 -14.70 8.59 23.19
CA PRO B 347 -15.23 9.80 23.82
C PRO B 347 -16.67 10.11 23.45
N MET B 348 -17.19 9.55 22.37
CA MET B 348 -18.53 9.86 21.90
C MET B 348 -19.23 8.59 21.46
N ALA B 349 -20.50 8.46 21.85
CA ALA B 349 -21.30 7.29 21.50
C ALA B 349 -22.75 7.75 21.40
N ALA B 350 -23.66 6.79 21.23
CA ALA B 350 -25.06 7.05 21.02
C ALA B 350 -25.88 6.50 22.17
N TYR B 351 -26.90 7.25 22.59
CA TYR B 351 -27.79 6.83 23.67
C TYR B 351 -29.22 7.17 23.28
N VAL B 352 -30.17 6.47 23.88
CA VAL B 352 -31.59 6.75 23.70
C VAL B 352 -32.27 6.81 25.06
N ASN B 353 -32.97 7.91 25.29
CA ASN B 353 -33.74 8.11 26.51
C ASN B 353 -35.02 7.30 26.44
N PRO B 354 -35.76 7.18 27.56
CA PRO B 354 -36.96 6.35 27.55
C PRO B 354 -38.01 6.80 26.53
N HIS B 355 -38.00 8.06 26.11
CA HIS B 355 -38.94 8.48 25.08
C HIS B 355 -38.47 8.18 23.66
N GLY B 356 -37.15 8.12 23.43
CA GLY B 356 -36.60 7.54 22.22
C GLY B 356 -35.58 8.40 21.50
N TYR B 357 -35.80 9.71 21.44
CA TYR B 357 -34.93 10.58 20.65
C TYR B 357 -33.47 10.27 20.93
N VAL B 358 -32.76 9.81 19.89
CA VAL B 358 -31.39 9.34 20.03
C VAL B 358 -30.45 10.53 20.05
N HIS B 359 -29.57 10.58 21.05
CA HIS B 359 -28.60 11.65 21.20
C HIS B 359 -27.19 11.08 21.08
N GLU B 360 -26.31 11.86 20.45
CA GLU B 360 -24.90 11.52 20.30
C GLU B 360 -24.13 12.28 21.37
N THR B 361 -23.72 11.57 22.42
CA THR B 361 -23.12 12.18 23.60
C THR B 361 -21.61 12.03 23.55
N LEU B 362 -20.91 13.13 23.79
CA LEU B 362 -19.45 13.21 23.86
C LEU B 362 -19.06 13.60 25.27
N THR B 363 -18.14 12.84 25.86
CA THR B 363 -17.72 13.05 27.24
C THR B 363 -16.47 13.91 27.28
N VAL B 364 -16.51 14.97 28.09
CA VAL B 364 -15.36 15.83 28.30
C VAL B 364 -15.20 16.07 29.79
N TYR B 365 -13.97 16.39 30.21
CA TYR B 365 -13.71 16.59 31.63
C TYR B 365 -14.44 17.81 32.15
N LYS B 366 -14.29 18.94 31.48
CA LYS B 366 -14.91 20.18 31.93
C LYS B 366 -15.48 20.92 30.74
N ALA B 367 -16.53 21.68 30.98
CA ALA B 367 -17.20 22.47 29.96
C ALA B 367 -16.75 23.92 30.09
N CYS B 368 -17.42 24.78 29.34
CA CYS B 368 -17.28 26.22 29.50
C CYS B 368 -18.50 26.91 28.93
N ASN B 369 -19.05 27.85 29.70
CA ASN B 369 -20.20 28.65 29.30
C ASN B 369 -21.49 27.85 29.30
N LEU B 370 -21.57 26.83 30.15
CA LEU B 370 -22.75 25.99 30.26
C LEU B 370 -23.37 26.17 31.63
N ASN B 371 -24.63 26.59 31.65
CA ASN B 371 -25.43 26.66 32.87
C ASN B 371 -26.19 25.35 33.05
N LEU B 372 -26.57 25.08 34.30
CA LEU B 372 -27.31 23.90 34.65
C LEU B 372 -28.74 24.26 35.07
N ILE B 373 -29.67 23.40 34.69
CA ILE B 373 -31.07 23.50 35.07
C ILE B 373 -31.48 22.19 35.73
N GLY B 374 -32.26 22.29 36.80
CA GLY B 374 -32.69 21.12 37.53
C GLY B 374 -31.61 20.58 38.44
N ARG B 375 -31.98 19.54 39.18
CA ARG B 375 -31.08 18.87 40.09
C ARG B 375 -30.61 17.55 39.51
N PRO B 376 -29.55 16.95 40.05
CA PRO B 376 -29.13 15.64 39.58
C PRO B 376 -30.12 14.56 39.99
N SER B 377 -30.15 13.50 39.20
CA SER B 377 -31.01 12.36 39.50
C SER B 377 -30.48 11.13 38.79
N THR B 378 -30.58 9.99 39.46
CA THR B 378 -30.17 8.71 38.89
C THR B 378 -31.21 8.12 37.97
N GLU B 379 -32.22 8.90 37.59
CA GLU B 379 -33.32 8.39 36.77
C GLU B 379 -32.80 8.02 35.39
N HIS B 380 -32.71 6.72 35.13
CA HIS B 380 -32.41 6.21 33.79
C HIS B 380 -31.15 6.87 33.23
N SER B 381 -30.15 7.04 34.10
CA SER B 381 -28.86 7.58 33.68
C SER B 381 -28.08 6.52 32.92
N TRP B 382 -27.47 6.92 31.81
CA TRP B 382 -26.77 5.96 30.96
C TRP B 382 -25.59 5.33 31.68
N PHE B 383 -24.69 6.15 32.21
CA PHE B 383 -23.52 5.63 32.91
C PHE B 383 -23.91 5.04 34.25
N PRO B 384 -23.60 3.78 34.54
CA PRO B 384 -23.95 3.22 35.85
C PRO B 384 -23.20 3.92 36.98
N GLY B 385 -23.94 4.58 37.84
CA GLY B 385 -23.39 5.10 39.07
C GLY B 385 -23.21 6.61 39.14
N TYR B 386 -23.72 7.35 38.17
CA TYR B 386 -23.71 8.80 38.22
C TYR B 386 -25.14 9.30 38.04
N ALA B 387 -25.29 10.62 37.94
CA ALA B 387 -26.58 11.23 37.74
C ALA B 387 -26.45 12.25 36.61
N TRP B 388 -27.57 12.90 36.28
CA TRP B 388 -27.59 13.87 35.19
C TRP B 388 -28.41 15.09 35.60
N THR B 389 -28.04 16.24 35.03
CA THR B 389 -28.78 17.48 35.21
C THR B 389 -28.75 18.25 33.91
N VAL B 390 -29.82 19.00 33.65
CA VAL B 390 -29.94 19.68 32.36
C VAL B 390 -28.77 20.63 32.19
N ALA B 391 -28.17 20.61 31.02
CA ALA B 391 -27.10 21.55 30.68
C ALA B 391 -27.45 22.29 29.41
N GLN B 392 -27.32 23.61 29.44
CA GLN B 392 -27.58 24.42 28.27
C GLN B 392 -26.62 25.60 28.27
N CYS B 393 -26.31 26.10 27.08
CA CYS B 393 -25.42 27.23 26.96
C CYS B 393 -25.98 28.43 27.73
N LYS B 394 -25.16 29.47 27.83
CA LYS B 394 -25.53 30.61 28.66
C LYS B 394 -26.40 31.61 27.90
N ILE B 395 -26.13 31.83 26.61
CA ILE B 395 -26.76 32.94 25.89
C ILE B 395 -28.08 32.51 25.26
N CYS B 396 -28.12 31.41 24.52
CA CYS B 396 -29.32 31.01 23.82
C CYS B 396 -30.01 29.80 24.46
N ALA B 397 -29.50 29.30 25.58
CA ALA B 397 -30.18 28.31 26.40
C ALA B 397 -30.57 27.06 25.60
N SER B 398 -29.71 26.66 24.66
CA SER B 398 -29.95 25.43 23.92
C SER B 398 -29.50 24.22 24.74
N HIS B 399 -30.16 23.10 24.53
CA HIS B 399 -29.86 21.87 25.26
C HIS B 399 -28.53 21.31 24.78
N ILE B 400 -27.45 21.67 25.46
CA ILE B 400 -26.14 21.23 25.02
C ILE B 400 -25.81 19.84 25.54
N GLY B 401 -26.36 19.46 26.68
CA GLY B 401 -26.13 18.14 27.23
C GLY B 401 -26.45 18.08 28.71
N TRP B 402 -25.54 17.53 29.49
CA TRP B 402 -25.71 17.46 30.93
C TRP B 402 -24.36 17.41 31.60
N LYS B 403 -24.36 17.69 32.91
CA LYS B 403 -23.18 17.58 33.77
C LYS B 403 -23.37 16.37 34.67
N PHE B 404 -22.50 15.38 34.54
CA PHE B 404 -22.60 14.16 35.30
C PHE B 404 -21.60 14.17 36.44
N ASP B 410 -15.29 10.21 45.94
CA ASP B 410 -15.40 8.79 46.25
C ASP B 410 -15.20 7.95 44.99
N MET B 411 -15.37 8.57 43.83
CA MET B 411 -15.26 7.89 42.55
C MET B 411 -14.40 8.71 41.59
N SER B 412 -13.65 8.01 40.74
CA SER B 412 -12.74 8.62 39.79
C SER B 412 -13.31 8.52 38.39
N PRO B 413 -13.60 9.64 37.70
CA PRO B 413 -13.55 11.05 38.08
C PRO B 413 -14.86 11.55 38.69
N GLN B 414 -14.79 12.62 39.47
CA GLN B 414 -15.98 13.11 40.16
C GLN B 414 -16.94 13.81 39.22
N LYS B 415 -16.45 14.66 38.33
CA LYS B 415 -17.31 15.51 37.52
C LYS B 415 -16.87 15.49 36.08
N PHE B 416 -17.85 15.42 35.17
CA PHE B 416 -17.59 15.53 33.74
C PHE B 416 -18.88 16.00 33.05
N TRP B 417 -18.82 16.17 31.74
CA TRP B 417 -19.95 16.66 30.98
C TRP B 417 -20.17 15.81 29.74
N GLY B 418 -21.43 15.47 29.48
CA GLY B 418 -21.79 14.79 28.25
C GLY B 418 -22.57 15.71 27.33
N LEU B 419 -22.09 15.88 26.09
CA LEU B 419 -22.63 16.86 25.17
C LEU B 419 -23.28 16.19 23.97
N THR B 420 -24.52 16.56 23.69
CA THR B 420 -25.22 16.04 22.52
C THR B 420 -24.69 16.71 21.26
N ARG B 421 -24.26 15.90 20.30
CA ARG B 421 -23.59 16.44 19.13
C ARG B 421 -24.49 17.34 18.29
N SER B 422 -25.80 17.24 18.45
CA SER B 422 -26.69 18.08 17.64
C SER B 422 -26.41 19.56 17.85
N ALA B 423 -25.79 19.92 18.97
CA ALA B 423 -25.42 21.30 19.26
C ALA B 423 -23.91 21.47 19.38
N LEU B 424 -23.13 20.55 18.83
CA LEU B 424 -21.68 20.64 18.81
C LEU B 424 -21.23 20.91 17.39
N LEU B 425 -21.15 22.19 17.02
CA LEU B 425 -20.62 22.58 15.72
C LEU B 425 -19.11 22.65 15.81
N PRO B 426 -18.37 21.91 14.98
CA PRO B 426 -16.91 22.09 14.96
C PRO B 426 -16.53 23.45 14.41
N THR B 427 -15.41 23.97 14.90
CA THR B 427 -14.92 25.26 14.47
C THR B 427 -13.64 25.07 13.68
N ASN C 4 -60.80 14.13 39.70
CA ASN C 4 -60.11 14.33 40.97
C ASN C 4 -58.63 14.63 40.73
N VAL C 5 -58.31 15.15 39.55
CA VAL C 5 -56.94 15.45 39.15
C VAL C 5 -56.80 16.94 38.96
N LEU C 6 -55.75 17.52 39.54
CA LEU C 6 -55.47 18.94 39.47
C LEU C 6 -54.20 19.20 38.68
N PHE C 7 -54.22 20.24 37.86
CA PHE C 7 -53.07 20.66 37.06
C PHE C 7 -52.51 21.95 37.63
N VAL C 8 -51.19 21.97 37.84
CA VAL C 8 -50.50 23.13 38.37
C VAL C 8 -49.38 23.52 37.42
N CYS C 9 -48.99 24.79 37.47
CA CYS C 9 -47.96 25.32 36.60
C CYS C 9 -47.07 26.27 37.40
N LYS C 10 -45.99 26.73 36.75
CA LYS C 10 -45.04 27.65 37.36
C LYS C 10 -44.38 27.01 38.58
N LEU C 11 -43.76 25.85 38.36
CA LEU C 11 -43.09 25.09 39.40
C LEU C 11 -41.58 25.33 39.36
N ASN C 12 -40.94 25.12 40.50
CA ASN C 12 -39.49 25.27 40.59
C ASN C 12 -38.81 24.17 39.78
N PRO C 13 -37.91 24.52 38.85
CA PRO C 13 -37.32 23.47 38.00
C PRO C 13 -36.67 22.33 38.76
N VAL C 14 -35.99 22.62 39.87
CA VAL C 14 -35.30 21.56 40.61
C VAL C 14 -36.27 20.61 41.29
N THR C 15 -37.56 20.96 41.34
CA THR C 15 -38.53 20.13 42.03
C THR C 15 -38.58 18.74 41.43
N THR C 16 -38.77 17.74 42.28
CA THR C 16 -38.90 16.34 41.88
C THR C 16 -40.34 15.88 42.13
N ASP C 17 -40.71 14.82 41.41
CA ASP C 17 -42.07 14.30 41.53
C ASP C 17 -42.35 13.81 42.94
N GLU C 18 -41.40 13.12 43.56
CA GLU C 18 -41.61 12.61 44.91
C GLU C 18 -41.83 13.75 45.89
N ASP C 19 -41.03 14.81 45.77
CA ASP C 19 -41.18 15.95 46.69
C ASP C 19 -42.55 16.60 46.52
N LEU C 20 -42.99 16.80 45.27
CA LEU C 20 -44.30 17.40 45.05
C LEU C 20 -45.41 16.51 45.60
N GLU C 21 -45.30 15.20 45.40
CA GLU C 21 -46.29 14.29 45.94
C GLU C 21 -46.34 14.38 47.45
N ILE C 22 -45.17 14.41 48.10
CA ILE C 22 -45.14 14.51 49.55
C ILE C 22 -45.79 15.81 50.00
N ILE C 23 -45.46 16.91 49.33
CA ILE C 23 -46.01 18.21 49.72
C ILE C 23 -47.53 18.21 49.59
N PHE C 24 -48.04 17.72 48.45
CA PHE C 24 -49.48 17.66 48.26
C PHE C 24 -50.14 16.61 49.13
N SER C 25 -49.37 15.71 49.74
CA SER C 25 -49.97 14.70 50.61
C SER C 25 -50.83 15.34 51.69
N ARG C 26 -50.49 16.55 52.12
CA ARG C 26 -51.35 17.27 53.04
C ARG C 26 -52.74 17.49 52.48
N PHE C 27 -52.87 17.48 51.15
CA PHE C 27 -54.16 17.63 50.50
C PHE C 27 -54.95 16.33 50.42
N GLY C 28 -54.34 15.21 50.81
CA GLY C 28 -55.00 13.93 50.79
C GLY C 28 -54.24 12.89 49.98
N PRO C 29 -54.78 11.68 49.91
CA PRO C 29 -54.10 10.63 49.13
C PRO C 29 -53.97 11.01 47.67
N ILE C 30 -52.85 10.61 47.07
CA ILE C 30 -52.56 10.90 45.67
C ILE C 30 -52.47 9.57 44.93
N ARG C 31 -53.32 9.39 43.92
CA ARG C 31 -53.28 8.16 43.12
C ARG C 31 -52.09 8.18 42.17
N SER C 32 -51.77 9.35 41.60
CA SER C 32 -50.64 9.46 40.69
C SER C 32 -50.25 10.93 40.57
N CYS C 33 -49.05 11.15 40.07
CA CYS C 33 -48.54 12.49 39.85
C CYS C 33 -47.46 12.46 38.79
N GLU C 34 -47.44 13.48 37.93
CA GLU C 34 -46.45 13.55 36.86
C GLU C 34 -46.17 15.01 36.54
N VAL C 35 -45.03 15.24 35.88
CA VAL C 35 -44.62 16.56 35.45
C VAL C 35 -44.12 16.46 34.01
N ILE C 36 -44.49 17.44 33.19
CA ILE C 36 -44.10 17.44 31.79
C ILE C 36 -42.66 17.91 31.65
N ARG C 37 -41.91 17.25 30.78
CA ARG C 37 -40.52 17.60 30.52
C ARG C 37 -40.26 17.51 29.02
N ASP C 38 -39.53 18.48 28.49
CA ASP C 38 -39.23 18.53 27.06
C ASP C 38 -38.74 17.17 26.58
N TRP C 39 -39.51 16.53 25.71
CA TRP C 39 -39.19 15.16 25.32
C TRP C 39 -37.80 15.04 24.72
N LYS C 40 -37.29 16.11 24.14
CA LYS C 40 -36.02 16.08 23.42
C LYS C 40 -34.81 16.39 24.32
N THR C 41 -35.03 16.85 25.55
CA THR C 41 -33.92 17.22 26.42
C THR C 41 -33.99 16.53 27.79
N GLY C 42 -35.17 16.42 28.38
CA GLY C 42 -35.30 15.92 29.73
C GLY C 42 -35.47 16.99 30.79
N GLU C 43 -35.57 18.25 30.40
CA GLU C 43 -35.77 19.34 31.35
C GLU C 43 -37.24 19.50 31.68
N SER C 44 -37.52 19.81 32.95
CA SER C 44 -38.91 19.95 33.38
C SER C 44 -39.58 21.11 32.67
N LEU C 45 -40.86 20.95 32.37
CA LEU C 45 -41.66 21.96 31.69
C LEU C 45 -42.42 22.86 32.64
N CYS C 46 -42.24 22.70 33.95
CA CYS C 46 -42.91 23.52 34.95
C CYS C 46 -44.41 23.29 34.97
N TYR C 47 -44.88 22.18 34.39
CA TYR C 47 -46.30 21.82 34.39
C TYR C 47 -46.45 20.43 34.99
N ALA C 48 -47.38 20.31 35.93
CA ALA C 48 -47.59 19.05 36.64
C ALA C 48 -49.07 18.74 36.69
N PHE C 49 -49.38 17.44 36.65
CA PHE C 49 -50.74 16.94 36.82
C PHE C 49 -50.73 15.88 37.90
N ILE C 50 -51.54 16.07 38.95
CA ILE C 50 -51.61 15.16 40.07
C ILE C 50 -53.05 14.66 40.18
N GLU C 51 -53.23 13.37 39.95
CA GLU C 51 -54.54 12.74 40.09
C GLU C 51 -54.67 12.21 41.52
N PHE C 52 -55.60 12.78 42.27
CA PHE C 52 -55.82 12.39 43.65
C PHE C 52 -56.58 11.06 43.71
N GLU C 53 -56.56 10.44 44.89
CA GLU C 53 -57.29 9.19 45.07
C GLU C 53 -58.79 9.39 44.83
N LYS C 54 -59.33 10.51 45.31
CA LYS C 54 -60.74 10.84 45.11
C LYS C 54 -60.88 12.33 44.93
N GLU C 55 -62.06 12.75 44.49
CA GLU C 55 -62.33 14.17 44.30
C GLU C 55 -62.15 14.96 45.60
N GLU C 56 -62.29 14.31 46.75
CA GLU C 56 -62.06 15.00 48.02
C GLU C 56 -60.61 15.47 48.12
N ASP C 57 -59.66 14.61 47.73
CA ASP C 57 -58.26 15.00 47.77
C ASP C 57 -57.99 16.16 46.82
N CYS C 58 -58.58 16.12 45.63
CA CYS C 58 -58.40 17.21 44.67
C CYS C 58 -58.97 18.50 45.22
N GLU C 59 -60.14 18.44 45.85
CA GLU C 59 -60.73 19.64 46.44
C GLU C 59 -59.85 20.19 47.55
N LYS C 60 -59.30 19.31 48.39
CA LYS C 60 -58.41 19.76 49.46
C LYS C 60 -57.17 20.42 48.88
N ALA C 61 -56.60 19.84 47.82
CA ALA C 61 -55.44 20.44 47.20
C ALA C 61 -55.77 21.81 46.62
N PHE C 62 -56.90 21.92 45.93
CA PHE C 62 -57.28 23.20 45.34
C PHE C 62 -57.51 24.26 46.42
N PHE C 63 -58.12 23.86 47.54
CA PHE C 63 -58.43 24.82 48.59
C PHE C 63 -57.19 25.26 49.35
N LYS C 64 -56.29 24.34 49.67
CA LYS C 64 -55.16 24.61 50.55
C LYS C 64 -53.85 24.76 49.80
N MET C 65 -53.88 24.84 48.46
CA MET C 65 -52.67 24.99 47.66
C MET C 65 -52.60 26.30 46.90
N ASP C 66 -53.64 27.12 46.96
CA ASP C 66 -53.62 28.40 46.26
C ASP C 66 -52.48 29.26 46.80
N ASN C 67 -51.68 29.82 45.89
CA ASN C 67 -50.54 30.66 46.27
C ASN C 67 -49.64 29.93 47.25
N VAL C 68 -49.41 28.64 47.00
CA VAL C 68 -48.59 27.80 47.86
C VAL C 68 -47.13 27.96 47.46
N LEU C 69 -46.28 28.25 48.44
CA LEU C 69 -44.84 28.44 48.22
C LEU C 69 -44.14 27.12 48.49
N ILE C 70 -43.81 26.38 47.43
CA ILE C 70 -43.11 25.11 47.53
C ILE C 70 -41.83 25.23 46.72
N ASP C 71 -40.75 24.68 47.24
CA ASP C 71 -39.44 24.77 46.58
C ASP C 71 -39.09 26.21 46.27
N ASP C 72 -39.39 27.09 47.23
CA ASP C 72 -39.09 28.52 47.12
C ASP C 72 -39.75 29.15 45.90
N ARG C 73 -40.77 28.50 45.34
CA ARG C 73 -41.47 28.99 44.17
C ARG C 73 -42.97 28.88 44.39
N ARG C 74 -43.71 29.87 43.90
CA ARG C 74 -45.16 29.82 43.98
C ARG C 74 -45.73 28.82 42.99
N ILE C 75 -46.77 28.11 43.40
CA ILE C 75 -47.42 27.10 42.57
C ILE C 75 -48.86 27.56 42.31
N HIS C 76 -49.23 27.61 41.04
CA HIS C 76 -50.57 28.01 40.62
C HIS C 76 -51.31 26.79 40.10
N VAL C 77 -52.46 26.49 40.68
CA VAL C 77 -53.25 25.35 40.29
C VAL C 77 -54.71 25.56 40.67
#